data_1NOD
#
_entry.id   1NOD
#
_cell.length_a   213.000
_cell.length_b   213.000
_cell.length_c   114.200
_cell.angle_alpha   90.00
_cell.angle_beta   90.00
_cell.angle_gamma   120.00
#
_symmetry.space_group_name_H-M   'P 61 2 2'
#
loop_
_entity.id
_entity.type
_entity.pdbx_description
1 polymer 'NITRIC OXIDE SYNTHASE'
2 non-polymer 'SULFATE ION'
3 non-polymer ARGININE
4 non-polymer 'PROTOPORPHYRIN IX CONTAINING FE'
5 non-polymer 5,6,7,8-TETRAHYDROBIOPTERIN
6 water water
#
_entity_poly.entity_id   1
_entity_poly.type   'polypeptide(L)'
_entity_poly.pdbx_seq_one_letter_code
;QYVRIKNWGSGEILHDTLHHKATSDFTCKSKSCLGSIMNPKSLTRGPRDKPTPLEELLPHAIEFINQYYGSFKEAKIEEH
LARLEAVTKEIETTGTYQLTLDELIFATKMAWRNAPRCIGRIQWSNLQVFDARNCSTAQEMFQHICRHILYATNNGNIRS
AITVFPQRSDGKHDFRLWNSQLIRYAGYQMPDGTIRGDAATLEFTQLCIDLGWKPRYGRFDVLPLVLQADGQDPEVFEIP
PDLVLEVTMEHPKYEWFQELGLKWYALPAVANMLLEVGGLEFPACPFNGWYMGTEIGVRDFCDTQRYNILEEVGRRMGLE
THTLASLWKDRAVTEINVAVLHSFQKQNVTIMDHHTASESFMKHMQNEYRARGGCPADWIWLVPPVSGSITPVFHQEMLN
YVLSPFYYYQIEPWKTHIWQNEK
;
_entity_poly.pdbx_strand_id   A,B
#
# COMPACT_ATOMS: atom_id res chain seq x y z
N GLN A 1 -0.27 -34.40 8.91
CA GLN A 1 1.07 -34.43 9.47
C GLN A 1 1.17 -33.85 10.89
N TYR A 2 0.54 -32.69 11.11
CA TYR A 2 0.51 -32.01 12.41
C TYR A 2 -0.62 -30.96 12.43
N VAL A 3 -1.01 -30.51 13.63
CA VAL A 3 -2.08 -29.50 13.73
C VAL A 3 -1.59 -28.13 14.19
N ARG A 4 -2.08 -27.10 13.51
CA ARG A 4 -1.73 -25.72 13.80
C ARG A 4 -2.66 -25.14 14.87
N ILE A 5 -2.05 -24.54 15.89
CA ILE A 5 -2.78 -23.94 16.99
C ILE A 5 -2.31 -22.52 17.14
N LYS A 6 -3.26 -21.60 17.12
CA LYS A 6 -2.91 -20.19 17.26
C LYS A 6 -3.38 -19.60 18.57
N ASN A 7 -2.57 -18.72 19.11
CA ASN A 7 -2.94 -18.02 20.32
C ASN A 7 -3.41 -16.67 19.81
N TRP A 8 -4.70 -16.43 19.87
CA TRP A 8 -5.27 -15.18 19.39
C TRP A 8 -4.88 -13.96 20.21
N GLY A 9 -4.08 -14.17 21.25
CA GLY A 9 -3.64 -13.08 22.09
C GLY A 9 -2.33 -12.52 21.56
N SER A 10 -1.26 -13.32 21.70
CA SER A 10 0.07 -12.95 21.25
C SER A 10 0.18 -13.16 19.74
N GLY A 11 -0.81 -13.83 19.17
CA GLY A 11 -0.83 -14.12 17.75
C GLY A 11 0.16 -15.20 17.40
N GLU A 12 0.68 -15.87 18.42
CA GLU A 12 1.66 -16.92 18.24
C GLU A 12 1.06 -18.21 17.71
N ILE A 13 1.82 -18.85 16.83
CA ILE A 13 1.40 -20.10 16.20
C ILE A 13 2.24 -21.29 16.67
N LEU A 14 1.55 -22.39 16.96
CA LEU A 14 2.20 -23.62 17.43
C LEU A 14 1.75 -24.81 16.59
N HIS A 15 2.59 -25.84 16.54
CA HIS A 15 2.29 -27.05 15.78
C HIS A 15 2.22 -28.24 16.73
N ASP A 16 1.04 -28.87 16.81
CA ASP A 16 0.84 -30.02 17.70
C ASP A 16 1.22 -31.34 17.05
N THR A 17 2.20 -32.04 17.64
CA THR A 17 2.68 -33.32 17.14
C THR A 17 2.12 -34.49 17.95
N LEU A 18 2.12 -34.31 19.27
CA LEU A 18 1.66 -35.31 20.22
C LEU A 18 0.34 -36.02 19.95
N HIS A 19 -0.63 -35.28 19.44
CA HIS A 19 -1.96 -35.82 19.17
C HIS A 19 -1.98 -37.18 18.47
N HIS A 20 -0.90 -37.52 17.78
CA HIS A 20 -0.82 -38.79 17.09
C HIS A 20 -0.81 -39.96 18.08
N LYS A 21 -0.11 -39.76 19.20
CA LYS A 21 -0.01 -40.78 20.24
C LYS A 21 -1.32 -40.92 20.99
N ALA A 22 -2.38 -40.33 20.41
CA ALA A 22 -3.71 -40.37 20.98
C ALA A 22 -4.22 -41.79 21.19
N THR A 23 -5.43 -41.88 21.76
CA THR A 23 -6.02 -43.16 22.07
C THR A 23 -7.13 -43.68 21.15
N SER A 24 -7.37 -44.98 21.27
CA SER A 24 -8.37 -45.71 20.52
C SER A 24 -9.82 -45.36 20.93
N ASP A 25 -10.01 -44.20 21.58
CA ASP A 25 -11.33 -43.76 22.03
C ASP A 25 -12.27 -43.45 20.85
N SER A 32 -9.88 -35.82 20.52
CA SER A 32 -9.30 -34.80 19.64
C SER A 32 -10.34 -33.74 19.28
N CYS A 33 -10.97 -33.16 20.29
CA CYS A 33 -11.98 -32.15 20.01
C CYS A 33 -11.32 -30.88 19.47
N LEU A 34 -11.83 -30.47 18.32
CA LEU A 34 -11.40 -29.28 17.61
C LEU A 34 -12.08 -28.09 18.28
N GLY A 35 -13.15 -28.38 19.04
CA GLY A 35 -13.94 -27.40 19.76
C GLY A 35 -13.32 -26.04 20.07
N SER A 36 -12.08 -26.04 20.57
CA SER A 36 -11.35 -24.83 20.91
C SER A 36 -10.94 -23.98 19.71
N ILE A 37 -10.79 -24.59 18.55
CA ILE A 37 -10.39 -23.89 17.33
C ILE A 37 -11.43 -22.88 16.84
N MET A 38 -10.95 -21.68 16.52
CA MET A 38 -11.79 -20.58 16.06
C MET A 38 -12.36 -20.72 14.65
N ASN A 39 -11.47 -20.81 13.68
CA ASN A 39 -11.83 -20.94 12.27
C ASN A 39 -11.50 -22.31 11.68
N PRO A 40 -12.30 -23.34 12.00
CA PRO A 40 -12.01 -24.66 11.45
C PRO A 40 -12.44 -24.70 9.98
N LYS A 41 -12.01 -25.74 9.25
CA LYS A 41 -12.43 -25.86 7.86
C LYS A 41 -13.88 -26.34 7.81
N SER A 42 -14.29 -27.05 8.85
CA SER A 42 -15.64 -27.57 8.96
C SER A 42 -16.71 -26.48 9.10
N LEU A 43 -16.28 -25.26 9.43
CA LEU A 43 -17.20 -24.13 9.60
C LEU A 43 -17.06 -23.07 8.49
N THR A 44 -16.16 -23.32 7.55
CA THR A 44 -15.90 -22.44 6.41
C THR A 44 -16.49 -23.00 5.12
N ARG A 45 -16.65 -22.13 4.13
CA ARG A 45 -17.18 -22.51 2.82
C ARG A 45 -16.47 -21.60 1.83
N GLY A 46 -15.38 -22.12 1.24
CA GLY A 46 -14.55 -21.37 0.31
C GLY A 46 -15.02 -21.09 -1.11
N PRO A 47 -14.09 -20.62 -1.97
CA PRO A 47 -14.29 -20.27 -3.39
C PRO A 47 -14.78 -21.40 -4.30
N ARG A 48 -14.75 -21.12 -5.61
CA ARG A 48 -15.15 -22.06 -6.66
C ARG A 48 -14.66 -21.62 -8.04
N ASP A 49 -14.91 -22.47 -9.03
CA ASP A 49 -14.53 -22.23 -10.42
C ASP A 49 -15.62 -22.77 -11.33
N LYS A 50 -16.43 -23.65 -10.76
CA LYS A 50 -17.52 -24.30 -11.46
C LYS A 50 -18.77 -24.22 -10.60
N PRO A 51 -19.95 -24.29 -11.24
CA PRO A 51 -21.23 -24.24 -10.51
C PRO A 51 -21.38 -25.45 -9.62
N THR A 52 -22.55 -25.57 -8.99
CA THR A 52 -22.84 -26.70 -8.10
C THR A 52 -23.32 -27.90 -8.92
N PRO A 53 -22.49 -28.94 -9.05
CA PRO A 53 -22.89 -30.14 -9.81
C PRO A 53 -24.31 -30.61 -9.48
N LEU A 54 -25.18 -30.56 -10.49
CA LEU A 54 -26.61 -30.92 -10.41
C LEU A 54 -27.04 -32.01 -9.44
N GLU A 55 -26.37 -33.16 -9.53
CA GLU A 55 -26.68 -34.32 -8.69
C GLU A 55 -26.65 -34.01 -7.20
N GLU A 56 -25.91 -32.96 -6.84
CA GLU A 56 -25.81 -32.53 -5.46
C GLU A 56 -26.86 -31.48 -5.28
N LEU A 57 -26.78 -30.45 -6.12
CA LEU A 57 -27.69 -29.33 -6.08
C LEU A 57 -29.13 -29.81 -5.96
N LEU A 58 -29.45 -30.88 -6.68
CA LEU A 58 -30.81 -31.40 -6.66
C LEU A 58 -31.31 -31.89 -5.30
N PRO A 59 -30.72 -32.95 -4.71
CA PRO A 59 -31.18 -33.43 -3.41
C PRO A 59 -31.22 -32.36 -2.32
N HIS A 60 -30.23 -31.47 -2.32
CA HIS A 60 -30.18 -30.39 -1.32
C HIS A 60 -31.42 -29.51 -1.48
N ALA A 61 -31.68 -29.16 -2.73
CA ALA A 61 -32.82 -28.33 -3.07
C ALA A 61 -34.10 -28.97 -2.60
N ILE A 62 -34.34 -30.22 -3.02
CA ILE A 62 -35.55 -30.94 -2.62
C ILE A 62 -35.67 -31.00 -1.11
N GLU A 63 -34.57 -31.36 -0.45
CA GLU A 63 -34.54 -31.45 1.01
C GLU A 63 -35.00 -30.13 1.58
N PHE A 64 -34.41 -29.05 1.06
CA PHE A 64 -34.77 -27.73 1.50
C PHE A 64 -36.26 -27.47 1.31
N ILE A 65 -36.75 -27.64 0.09
CA ILE A 65 -38.16 -27.41 -0.19
C ILE A 65 -39.06 -28.24 0.71
N ASN A 66 -38.59 -29.42 1.09
CA ASN A 66 -39.36 -30.29 1.96
C ASN A 66 -39.39 -29.71 3.37
N GLN A 67 -38.29 -29.05 3.73
CA GLN A 67 -38.16 -28.41 5.04
C GLN A 67 -39.23 -27.31 5.11
N TYR A 68 -39.15 -26.39 4.14
CA TYR A 68 -40.06 -25.25 4.00
C TYR A 68 -41.52 -25.65 4.13
N TYR A 69 -42.00 -26.43 3.17
CA TYR A 69 -43.39 -26.86 3.15
C TYR A 69 -43.80 -27.72 4.33
N GLY A 70 -42.82 -28.40 4.94
CA GLY A 70 -43.09 -29.23 6.09
C GLY A 70 -43.37 -28.35 7.29
N SER A 71 -43.11 -27.05 7.12
CA SER A 71 -43.30 -26.05 8.17
C SER A 71 -44.75 -25.68 8.51
N PHE A 72 -45.36 -24.84 7.67
CA PHE A 72 -46.71 -24.33 7.91
C PHE A 72 -47.75 -25.33 8.42
N LYS A 73 -48.55 -24.89 9.40
CA LYS A 73 -49.64 -25.71 9.95
C LYS A 73 -50.51 -25.88 8.69
N GLU A 74 -51.03 -27.09 8.47
CA GLU A 74 -51.81 -27.41 7.25
C GLU A 74 -50.98 -27.07 6.02
N ALA A 75 -50.21 -28.06 5.57
CA ALA A 75 -49.34 -27.92 4.42
C ALA A 75 -50.06 -27.78 3.09
N LYS A 76 -49.42 -27.04 2.19
CA LYS A 76 -49.95 -26.81 0.86
C LYS A 76 -49.30 -27.90 0.01
N ILE A 77 -49.81 -29.12 0.20
CA ILE A 77 -49.30 -30.33 -0.47
C ILE A 77 -49.17 -30.19 -1.98
N GLU A 78 -50.20 -29.63 -2.59
CA GLU A 78 -50.24 -29.43 -4.02
C GLU A 78 -49.11 -28.52 -4.47
N GLU A 79 -48.99 -27.38 -3.81
CA GLU A 79 -47.95 -26.40 -4.11
C GLU A 79 -46.59 -26.99 -3.77
N HIS A 80 -46.58 -27.82 -2.73
CA HIS A 80 -45.37 -28.48 -2.26
C HIS A 80 -44.84 -29.27 -3.47
N LEU A 81 -45.68 -30.17 -3.97
CA LEU A 81 -45.37 -31.00 -5.11
C LEU A 81 -45.05 -30.11 -6.30
N ALA A 82 -45.88 -29.09 -6.49
CA ALA A 82 -45.70 -28.15 -7.59
C ALA A 82 -44.36 -27.45 -7.55
N ARG A 83 -44.01 -26.92 -6.38
CA ARG A 83 -42.75 -26.21 -6.20
C ARG A 83 -41.58 -27.17 -6.43
N LEU A 84 -41.67 -28.36 -5.84
CA LEU A 84 -40.63 -29.37 -6.02
C LEU A 84 -40.41 -29.52 -7.51
N GLU A 85 -41.51 -29.84 -8.18
CA GLU A 85 -41.58 -30.04 -9.62
C GLU A 85 -41.02 -28.86 -10.40
N ALA A 86 -41.43 -27.66 -10.00
CA ALA A 86 -41.01 -26.43 -10.64
C ALA A 86 -39.53 -26.18 -10.47
N VAL A 87 -39.03 -26.45 -9.27
CA VAL A 87 -37.64 -26.25 -8.97
C VAL A 87 -36.81 -27.27 -9.73
N THR A 88 -37.23 -28.53 -9.66
CA THR A 88 -36.55 -29.62 -10.35
C THR A 88 -36.32 -29.17 -11.78
N LYS A 89 -37.43 -28.71 -12.37
CA LYS A 89 -37.46 -28.21 -13.73
C LYS A 89 -36.48 -27.06 -13.90
N GLU A 90 -36.68 -26.01 -13.10
CA GLU A 90 -35.84 -24.84 -13.14
C GLU A 90 -34.36 -25.20 -13.00
N ILE A 91 -34.08 -26.17 -12.14
CA ILE A 91 -32.72 -26.62 -11.91
C ILE A 91 -32.16 -27.20 -13.19
N GLU A 92 -32.87 -28.17 -13.77
CA GLU A 92 -32.39 -28.78 -15.01
C GLU A 92 -32.34 -27.82 -16.20
N THR A 93 -33.10 -26.74 -16.14
CA THR A 93 -33.13 -25.75 -17.22
C THR A 93 -32.08 -24.66 -17.14
N THR A 94 -31.86 -24.13 -15.94
CA THR A 94 -30.91 -23.03 -15.73
C THR A 94 -29.57 -23.45 -15.17
N GLY A 95 -29.65 -24.46 -14.31
CA GLY A 95 -28.48 -24.95 -13.62
C GLY A 95 -28.90 -24.69 -12.19
N THR A 96 -28.74 -23.44 -11.76
CA THR A 96 -29.11 -23.03 -10.41
C THR A 96 -30.63 -22.77 -10.36
N TYR A 97 -31.13 -22.32 -9.22
CA TYR A 97 -32.56 -22.01 -9.09
C TYR A 97 -32.80 -20.81 -8.16
N GLN A 98 -33.97 -20.20 -8.29
CA GLN A 98 -34.34 -19.03 -7.50
C GLN A 98 -35.41 -19.37 -6.47
N LEU A 99 -35.24 -18.82 -5.27
CA LEU A 99 -36.16 -19.04 -4.17
C LEU A 99 -37.32 -18.06 -4.11
N THR A 100 -38.50 -18.52 -3.72
CA THR A 100 -39.63 -17.60 -3.58
C THR A 100 -39.18 -16.71 -2.42
N LEU A 101 -39.53 -15.42 -2.44
CA LEU A 101 -39.09 -14.54 -1.36
C LEU A 101 -39.39 -15.14 0.00
N ASP A 102 -40.60 -15.66 0.16
CA ASP A 102 -41.01 -16.26 1.42
C ASP A 102 -40.08 -17.41 1.78
N GLU A 103 -39.47 -18.03 0.76
CA GLU A 103 -38.53 -19.12 1.00
C GLU A 103 -37.25 -18.59 1.62
N LEU A 104 -36.75 -17.47 1.07
CA LEU A 104 -35.54 -16.84 1.58
C LEU A 104 -35.74 -16.46 3.02
N ILE A 105 -36.86 -15.78 3.28
CA ILE A 105 -37.21 -15.35 4.63
C ILE A 105 -37.01 -16.52 5.58
N PHE A 106 -37.64 -17.63 5.24
CA PHE A 106 -37.58 -18.85 6.03
C PHE A 106 -36.13 -19.34 6.09
N ALA A 107 -35.41 -19.19 4.99
CA ALA A 107 -34.01 -19.62 4.93
C ALA A 107 -33.16 -18.88 5.94
N THR A 108 -33.17 -17.55 5.87
CA THR A 108 -32.37 -16.73 6.78
C THR A 108 -32.68 -16.96 8.25
N LYS A 109 -33.98 -17.08 8.58
CA LYS A 109 -34.39 -17.32 9.96
C LYS A 109 -33.91 -18.68 10.49
N MET A 110 -33.89 -19.69 9.62
CA MET A 110 -33.42 -21.02 10.01
C MET A 110 -31.91 -21.03 10.12
N ALA A 111 -31.24 -20.37 9.17
CA ALA A 111 -29.79 -20.28 9.17
C ALA A 111 -29.31 -19.64 10.47
N TRP A 112 -30.06 -18.63 10.93
CA TRP A 112 -29.75 -17.95 12.19
C TRP A 112 -30.02 -18.97 13.29
N ARG A 113 -31.22 -19.55 13.23
CA ARG A 113 -31.67 -20.56 14.18
C ARG A 113 -30.64 -21.70 14.29
N ASN A 114 -29.84 -21.88 13.22
CA ASN A 114 -28.82 -22.93 13.16
C ASN A 114 -27.41 -22.44 13.43
N ALA A 115 -27.25 -21.18 13.83
CA ALA A 115 -25.91 -20.64 14.09
C ALA A 115 -25.55 -20.94 15.54
N PRO A 116 -24.77 -22.02 15.77
CA PRO A 116 -24.31 -22.49 17.08
C PRO A 116 -23.55 -21.54 18.00
N ARG A 117 -22.99 -20.47 17.43
CA ARG A 117 -22.21 -19.51 18.20
C ARG A 117 -22.95 -18.22 18.58
N CYS A 118 -24.29 -18.21 18.39
CA CYS A 118 -25.12 -17.04 18.69
C CYS A 118 -26.06 -17.26 19.88
N ILE A 119 -26.09 -16.29 20.81
CA ILE A 119 -26.94 -16.36 22.00
C ILE A 119 -28.29 -15.71 21.78
N GLY A 120 -28.35 -14.78 20.83
CA GLY A 120 -29.59 -14.05 20.57
C GLY A 120 -30.69 -14.82 19.88
N ARG A 121 -30.42 -16.09 19.55
CA ARG A 121 -31.36 -16.93 18.81
C ARG A 121 -32.80 -17.11 19.29
N ILE A 122 -33.18 -16.55 20.44
CA ILE A 122 -34.56 -16.68 20.87
C ILE A 122 -35.39 -15.71 20.05
N GLN A 123 -34.68 -14.81 19.38
CA GLN A 123 -35.25 -13.77 18.54
C GLN A 123 -35.21 -14.21 17.07
N TRP A 124 -34.87 -15.47 16.85
CA TRP A 124 -34.76 -16.01 15.50
C TRP A 124 -35.94 -15.70 14.59
N SER A 125 -37.16 -15.72 15.13
CA SER A 125 -38.35 -15.46 14.32
C SER A 125 -38.61 -13.98 14.03
N ASN A 126 -37.94 -13.08 14.76
CA ASN A 126 -38.11 -11.65 14.57
C ASN A 126 -36.97 -11.11 13.71
N LEU A 127 -37.03 -11.36 12.40
CA LEU A 127 -35.99 -10.90 11.50
C LEU A 127 -36.52 -10.25 10.23
N GLN A 128 -35.77 -9.25 9.78
CA GLN A 128 -36.10 -8.50 8.59
C GLN A 128 -35.13 -8.87 7.48
N VAL A 129 -35.68 -9.23 6.34
CA VAL A 129 -34.91 -9.65 5.19
C VAL A 129 -34.99 -8.64 4.05
N PHE A 130 -33.84 -8.19 3.58
CA PHE A 130 -33.78 -7.26 2.47
C PHE A 130 -33.29 -7.99 1.24
N ASP A 131 -34.19 -8.14 0.28
CA ASP A 131 -33.96 -8.83 -0.99
C ASP A 131 -33.15 -7.99 -1.98
N ALA A 132 -31.85 -8.24 -2.05
CA ALA A 132 -30.97 -7.51 -2.95
C ALA A 132 -30.41 -8.48 -3.98
N ARG A 133 -31.14 -9.57 -4.20
CA ARG A 133 -30.73 -10.60 -5.15
C ARG A 133 -30.65 -10.12 -6.61
N ASN A 134 -31.40 -9.07 -6.94
CA ASN A 134 -31.41 -8.53 -8.30
C ASN A 134 -30.36 -7.44 -8.49
N CYS A 135 -29.54 -7.23 -7.46
CA CYS A 135 -28.49 -6.23 -7.49
C CYS A 135 -27.44 -6.62 -8.52
N SER A 136 -26.61 -5.68 -8.96
CA SER A 136 -25.57 -5.99 -9.95
C SER A 136 -24.32 -5.12 -9.94
N THR A 137 -24.33 -4.03 -9.17
CA THR A 137 -23.16 -3.15 -9.07
C THR A 137 -22.81 -2.83 -7.62
N ALA A 138 -21.55 -2.48 -7.39
CA ALA A 138 -21.09 -2.16 -6.05
C ALA A 138 -21.82 -0.93 -5.52
N GLN A 139 -21.94 0.10 -6.36
CA GLN A 139 -22.63 1.32 -5.99
C GLN A 139 -24.02 0.94 -5.50
N GLU A 140 -24.61 -0.04 -6.16
CA GLU A 140 -25.94 -0.52 -5.83
C GLU A 140 -25.94 -1.30 -4.51
N MET A 141 -24.82 -1.96 -4.23
CA MET A 141 -24.68 -2.70 -2.98
C MET A 141 -24.71 -1.64 -1.89
N PHE A 142 -23.78 -0.71 -2.01
CA PHE A 142 -23.61 0.41 -1.11
C PHE A 142 -24.95 1.01 -0.67
N GLN A 143 -25.85 1.20 -1.62
CA GLN A 143 -27.16 1.77 -1.33
C GLN A 143 -27.98 0.85 -0.44
N HIS A 144 -28.07 -0.42 -0.82
CA HIS A 144 -28.79 -1.41 -0.04
C HIS A 144 -28.23 -1.46 1.37
N ILE A 145 -26.90 -1.38 1.46
CA ILE A 145 -26.22 -1.41 2.75
C ILE A 145 -26.66 -0.23 3.62
N CYS A 146 -26.65 0.97 3.05
CA CYS A 146 -27.08 2.15 3.78
C CYS A 146 -28.54 1.97 4.21
N ARG A 147 -29.39 1.47 3.31
CA ARG A 147 -30.79 1.23 3.63
C ARG A 147 -30.85 0.30 4.83
N HIS A 148 -29.93 -0.66 4.84
CA HIS A 148 -29.85 -1.64 5.91
C HIS A 148 -29.48 -0.97 7.21
N ILE A 149 -28.31 -0.34 7.21
CA ILE A 149 -27.78 0.37 8.36
C ILE A 149 -28.83 1.31 8.94
N LEU A 150 -29.42 2.11 8.07
CA LEU A 150 -30.45 3.05 8.49
C LEU A 150 -31.60 2.34 9.18
N TYR A 151 -32.12 1.29 8.52
CA TYR A 151 -33.22 0.51 9.07
C TYR A 151 -32.88 -0.12 10.41
N ALA A 152 -31.74 -0.81 10.44
CA ALA A 152 -31.27 -1.50 11.63
C ALA A 152 -31.14 -0.57 12.82
N THR A 153 -30.39 0.52 12.61
CA THR A 153 -30.14 1.52 13.64
C THR A 153 -31.44 2.01 14.26
N ASN A 154 -32.38 2.42 13.41
CA ASN A 154 -33.69 2.89 13.85
C ASN A 154 -33.58 3.89 15.00
N ASN A 155 -32.56 4.73 14.93
CA ASN A 155 -32.32 5.74 15.95
C ASN A 155 -32.31 5.12 17.37
N GLY A 156 -31.42 4.14 17.57
CA GLY A 156 -31.30 3.48 18.85
C GLY A 156 -32.08 2.21 19.09
N ASN A 157 -33.35 2.17 18.70
CA ASN A 157 -34.17 0.98 18.89
C ASN A 157 -33.76 -0.03 17.82
N ILE A 158 -32.54 -0.56 17.96
CA ILE A 158 -31.95 -1.53 17.03
C ILE A 158 -32.90 -2.62 16.59
N ARG A 159 -32.90 -2.87 15.28
CA ARG A 159 -33.75 -3.91 14.68
C ARG A 159 -32.87 -4.93 13.95
N SER A 160 -33.15 -6.21 14.19
CA SER A 160 -32.41 -7.30 13.55
C SER A 160 -32.82 -7.37 12.09
N ALA A 161 -31.84 -7.41 11.20
CA ALA A 161 -32.13 -7.49 9.79
C ALA A 161 -30.98 -8.08 9.02
N ILE A 162 -31.29 -8.57 7.83
CA ILE A 162 -30.27 -9.12 6.96
C ILE A 162 -30.60 -8.74 5.54
N THR A 163 -29.59 -8.30 4.80
CA THR A 163 -29.79 -7.95 3.42
C THR A 163 -29.04 -8.98 2.58
N VAL A 164 -29.82 -9.77 1.84
CA VAL A 164 -29.30 -10.83 0.99
C VAL A 164 -29.00 -10.42 -0.44
N PHE A 165 -27.72 -10.44 -0.79
CA PHE A 165 -27.29 -10.10 -2.13
C PHE A 165 -27.42 -11.29 -3.09
N PRO A 166 -27.06 -11.11 -4.39
CA PRO A 166 -27.16 -12.21 -5.36
C PRO A 166 -26.41 -13.48 -4.96
N GLN A 167 -27.04 -14.63 -5.25
CA GLN A 167 -26.47 -15.93 -4.94
C GLN A 167 -25.25 -16.28 -5.79
N ARG A 168 -24.67 -17.43 -5.53
CA ARG A 168 -23.51 -17.87 -6.29
C ARG A 168 -23.95 -18.44 -7.63
N SER A 169 -23.21 -18.09 -8.68
CA SER A 169 -23.50 -18.57 -10.01
C SER A 169 -22.47 -19.65 -10.35
N ASP A 170 -21.33 -19.24 -10.88
CA ASP A 170 -20.28 -20.17 -11.24
C ASP A 170 -19.28 -20.29 -10.11
N GLY A 171 -18.80 -19.15 -9.61
CA GLY A 171 -17.82 -19.15 -8.54
C GLY A 171 -16.79 -18.06 -8.76
N LYS A 172 -16.92 -17.35 -9.88
CA LYS A 172 -16.02 -16.25 -10.20
C LYS A 172 -16.86 -14.99 -10.35
N HIS A 173 -18.17 -15.15 -10.11
CA HIS A 173 -19.14 -14.06 -10.18
C HIS A 173 -19.84 -13.86 -8.82
N ASP A 174 -19.03 -13.74 -7.76
CA ASP A 174 -19.54 -13.54 -6.39
C ASP A 174 -19.54 -12.10 -5.91
N PHE A 175 -20.53 -11.79 -5.08
CA PHE A 175 -20.70 -10.48 -4.44
C PHE A 175 -20.08 -10.64 -3.05
N ARG A 176 -19.12 -9.78 -2.71
CA ARG A 176 -18.47 -9.90 -1.41
C ARG A 176 -18.15 -8.58 -0.71
N LEU A 177 -18.49 -8.52 0.58
CA LEU A 177 -18.17 -7.36 1.39
C LEU A 177 -16.87 -7.79 2.04
N TRP A 178 -15.81 -7.03 1.81
CA TRP A 178 -14.50 -7.37 2.36
C TRP A 178 -14.32 -7.07 3.85
N ASN A 179 -15.26 -6.31 4.41
CA ASN A 179 -15.23 -5.91 5.81
C ASN A 179 -15.65 -7.04 6.75
N SER A 180 -15.13 -7.00 7.99
CA SER A 180 -15.47 -8.00 9.02
C SER A 180 -16.94 -7.81 9.29
N GLN A 181 -17.28 -6.58 9.64
CA GLN A 181 -18.66 -6.22 9.92
C GLN A 181 -18.92 -4.89 9.26
N LEU A 182 -20.20 -4.54 9.14
CA LEU A 182 -20.60 -3.28 8.52
C LEU A 182 -19.85 -2.05 9.05
N ILE A 183 -20.01 -1.76 10.34
CA ILE A 183 -19.32 -0.63 10.95
C ILE A 183 -18.18 -1.20 11.77
N ARG A 184 -17.01 -0.58 11.67
CA ARG A 184 -15.84 -1.09 12.37
C ARG A 184 -14.75 -0.02 12.38
N TYR A 185 -14.21 0.29 13.55
CA TYR A 185 -13.16 1.30 13.65
C TYR A 185 -11.88 0.80 13.04
N ALA A 186 -11.05 1.74 12.60
CA ALA A 186 -9.77 1.45 11.97
C ALA A 186 -8.63 1.34 12.98
N GLY A 187 -7.54 0.72 12.54
CA GLY A 187 -6.36 0.56 13.36
C GLY A 187 -5.12 0.92 12.55
N TYR A 188 -4.33 1.87 13.05
CA TYR A 188 -3.13 2.32 12.35
C TYR A 188 -1.88 2.09 13.20
N GLN A 189 -0.85 1.48 12.62
CA GLN A 189 0.39 1.29 13.37
C GLN A 189 1.18 2.58 13.20
N MET A 190 1.10 3.43 14.22
CA MET A 190 1.74 4.73 14.23
C MET A 190 3.28 4.82 14.25
N PRO A 191 3.83 6.02 13.93
CA PRO A 191 5.26 6.36 13.89
C PRO A 191 6.04 6.12 15.17
N ASP A 192 5.45 6.48 16.30
CA ASP A 192 6.09 6.31 17.60
C ASP A 192 6.06 4.86 18.13
N GLY A 193 5.85 3.91 17.22
CA GLY A 193 5.82 2.49 17.58
C GLY A 193 4.50 2.00 18.14
N THR A 194 3.66 2.93 18.59
CA THR A 194 2.35 2.59 19.17
C THR A 194 1.33 2.11 18.14
N ILE A 195 0.08 1.99 18.59
CA ILE A 195 -1.04 1.54 17.77
C ILE A 195 -2.32 2.22 18.21
N ARG A 196 -2.89 3.05 17.34
CA ARG A 196 -4.14 3.75 17.66
C ARG A 196 -5.32 3.06 16.99
N GLY A 197 -6.47 3.14 17.63
CA GLY A 197 -7.68 2.52 17.12
C GLY A 197 -7.81 1.05 17.44
N ASP A 198 -8.64 0.36 16.66
CA ASP A 198 -8.89 -1.07 16.80
C ASP A 198 -7.76 -1.86 16.14
N ALA A 199 -6.87 -2.40 16.96
CA ALA A 199 -5.74 -3.18 16.46
C ALA A 199 -6.12 -4.44 15.67
N ALA A 200 -7.37 -4.85 15.79
CA ALA A 200 -7.83 -6.04 15.08
C ALA A 200 -7.98 -5.77 13.59
N THR A 201 -8.38 -4.54 13.27
CA THR A 201 -8.58 -4.11 11.89
C THR A 201 -7.32 -3.44 11.35
N LEU A 202 -6.17 -4.02 11.65
CA LEU A 202 -4.90 -3.44 11.20
C LEU A 202 -4.58 -3.77 9.75
N GLU A 203 -4.57 -5.05 9.42
CA GLU A 203 -4.29 -5.49 8.06
C GLU A 203 -5.34 -4.89 7.14
N PHE A 204 -6.60 -5.11 7.47
CA PHE A 204 -7.71 -4.59 6.66
C PHE A 204 -7.63 -3.09 6.42
N THR A 205 -7.14 -2.34 7.40
CA THR A 205 -7.03 -0.90 7.25
C THR A 205 -6.02 -0.58 6.16
N GLN A 206 -4.83 -1.16 6.27
CA GLN A 206 -3.78 -0.95 5.29
C GLN A 206 -4.36 -1.15 3.90
N LEU A 207 -5.26 -2.13 3.78
CA LEU A 207 -5.89 -2.44 2.51
C LEU A 207 -6.65 -1.24 2.01
N CYS A 208 -7.53 -0.72 2.86
CA CYS A 208 -8.32 0.45 2.51
C CYS A 208 -7.36 1.58 2.12
N ILE A 209 -6.26 1.68 2.86
CA ILE A 209 -5.23 2.67 2.60
C ILE A 209 -4.66 2.49 1.19
N ASP A 210 -4.33 1.25 0.85
CA ASP A 210 -3.77 0.91 -0.46
C ASP A 210 -4.72 1.26 -1.59
N LEU A 211 -6.02 1.07 -1.34
CA LEU A 211 -7.04 1.38 -2.34
C LEU A 211 -7.38 2.86 -2.27
N GLY A 212 -6.39 3.66 -1.87
CA GLY A 212 -6.54 5.09 -1.77
C GLY A 212 -7.52 5.63 -0.75
N TRP A 213 -7.63 5.01 0.42
CA TRP A 213 -8.55 5.53 1.42
C TRP A 213 -7.82 6.58 2.23
N LYS A 214 -8.56 7.63 2.63
CA LYS A 214 -8.02 8.74 3.41
C LYS A 214 -7.89 8.38 4.90
N PRO A 215 -6.65 8.08 5.35
CA PRO A 215 -6.35 7.71 6.74
C PRO A 215 -6.60 8.88 7.70
N ARG A 216 -7.73 8.83 8.40
CA ARG A 216 -8.09 9.89 9.33
C ARG A 216 -7.32 9.86 10.68
N TYR A 217 -6.43 8.87 10.83
CA TYR A 217 -5.58 8.67 12.01
C TYR A 217 -6.11 8.95 13.43
N GLY A 218 -7.15 8.23 13.83
CA GLY A 218 -7.72 8.41 15.14
C GLY A 218 -7.95 7.09 15.85
N ARG A 219 -8.67 7.12 16.96
CA ARG A 219 -8.96 5.91 17.74
C ARG A 219 -10.29 5.32 17.36
N PHE A 220 -11.18 6.14 16.82
CA PHE A 220 -12.50 5.70 16.44
C PHE A 220 -12.88 6.14 15.04
N ASP A 221 -12.12 5.69 14.04
CA ASP A 221 -12.42 6.05 12.67
C ASP A 221 -13.12 4.92 11.97
N VAL A 222 -14.41 5.14 11.70
CA VAL A 222 -15.22 4.14 11.02
C VAL A 222 -14.65 3.85 9.64
N LEU A 223 -14.30 2.59 9.44
CA LEU A 223 -13.72 2.13 8.18
C LEU A 223 -14.69 2.21 7.01
N PRO A 224 -14.14 2.27 5.78
CA PRO A 224 -14.90 2.34 4.53
C PRO A 224 -15.39 0.97 4.07
N LEU A 225 -16.56 0.98 3.45
CA LEU A 225 -17.14 -0.23 2.93
C LEU A 225 -16.36 -0.64 1.67
N VAL A 226 -15.75 -1.82 1.70
CA VAL A 226 -14.99 -2.33 0.56
C VAL A 226 -15.87 -3.36 -0.11
N LEU A 227 -16.53 -2.94 -1.18
CA LEU A 227 -17.46 -3.81 -1.87
C LEU A 227 -16.99 -4.32 -3.23
N GLN A 228 -17.43 -5.53 -3.59
CA GLN A 228 -17.11 -6.14 -4.89
C GLN A 228 -18.34 -6.83 -5.47
N ALA A 229 -18.76 -6.40 -6.67
CA ALA A 229 -19.94 -6.95 -7.36
C ALA A 229 -19.52 -8.03 -8.36
N ASP A 230 -20.50 -8.72 -8.95
CA ASP A 230 -20.26 -9.81 -9.92
C ASP A 230 -18.94 -10.49 -9.69
N GLY A 231 -17.84 -9.92 -10.20
CA GLY A 231 -16.55 -10.52 -9.97
C GLY A 231 -15.55 -9.41 -9.97
N GLN A 232 -16.00 -8.25 -10.46
CA GLN A 232 -15.17 -7.07 -10.56
C GLN A 232 -14.59 -6.62 -9.23
N ASP A 233 -13.40 -6.06 -9.31
CA ASP A 233 -12.64 -5.57 -8.17
C ASP A 233 -13.43 -4.74 -7.18
N PRO A 234 -12.91 -4.62 -5.95
CA PRO A 234 -13.53 -3.86 -4.88
C PRO A 234 -13.56 -2.34 -5.05
N GLU A 235 -14.75 -1.77 -4.93
CA GLU A 235 -14.95 -0.33 -5.03
C GLU A 235 -15.08 0.19 -3.61
N VAL A 236 -14.19 1.13 -3.26
CA VAL A 236 -14.16 1.72 -1.93
C VAL A 236 -15.24 2.79 -1.74
N PHE A 237 -16.13 2.59 -0.77
CA PHE A 237 -17.19 3.53 -0.47
C PHE A 237 -17.18 3.91 1.02
N GLU A 238 -16.99 5.20 1.31
CA GLU A 238 -16.98 5.65 2.70
C GLU A 238 -18.40 5.76 3.22
N ILE A 239 -18.61 5.34 4.47
CA ILE A 239 -19.95 5.38 5.07
C ILE A 239 -20.38 6.77 5.52
N PRO A 240 -21.65 7.13 5.26
CA PRO A 240 -22.20 8.43 5.64
C PRO A 240 -22.28 8.52 7.15
N PRO A 241 -21.48 9.42 7.74
CA PRO A 241 -21.41 9.63 9.19
C PRO A 241 -22.77 9.81 9.87
N ASP A 242 -23.75 10.34 9.14
CA ASP A 242 -25.07 10.53 9.71
C ASP A 242 -25.71 9.18 9.98
N LEU A 243 -25.24 8.17 9.26
CA LEU A 243 -25.75 6.81 9.38
C LEU A 243 -25.16 6.05 10.55
N VAL A 244 -23.89 6.32 10.83
CA VAL A 244 -23.18 5.66 11.90
C VAL A 244 -23.51 6.21 13.30
N LEU A 245 -24.42 5.53 14.00
CA LEU A 245 -24.80 5.93 15.35
C LEU A 245 -23.80 5.32 16.35
N GLU A 246 -23.34 6.15 17.29
CA GLU A 246 -22.38 5.72 18.31
C GLU A 246 -22.85 6.06 19.72
N VAL A 247 -22.22 5.45 20.72
CA VAL A 247 -22.53 5.69 22.12
C VAL A 247 -21.24 6.08 22.85
N THR A 248 -21.25 7.27 23.47
CA THR A 248 -20.06 7.71 24.22
C THR A 248 -20.11 7.11 25.61
N MET A 249 -19.04 6.40 25.95
CA MET A 249 -18.96 5.73 27.24
C MET A 249 -18.79 6.64 28.45
N GLU A 250 -19.63 6.43 29.45
CA GLU A 250 -19.58 7.18 30.69
C GLU A 250 -20.17 6.37 31.84
N HIS A 251 -19.39 6.30 32.93
CA HIS A 251 -19.76 5.56 34.13
C HIS A 251 -20.77 6.33 35.01
N PRO A 252 -21.76 5.62 35.59
CA PRO A 252 -22.79 6.22 36.45
C PRO A 252 -22.31 6.72 37.81
N LYS A 253 -21.00 6.60 38.07
CA LYS A 253 -20.44 7.07 39.33
C LYS A 253 -19.02 7.58 39.21
N TYR A 254 -18.28 7.09 38.23
CA TYR A 254 -16.90 7.52 38.03
C TYR A 254 -16.87 8.60 36.94
N GLU A 255 -17.20 9.84 37.30
CA GLU A 255 -17.23 10.95 36.35
C GLU A 255 -15.97 11.09 35.51
N TRP A 256 -14.87 10.50 35.97
CA TRP A 256 -13.62 10.54 35.26
C TRP A 256 -13.58 9.53 34.11
N PHE A 257 -14.58 8.65 34.07
CA PHE A 257 -14.63 7.62 33.04
C PHE A 257 -14.86 8.21 31.65
N GLN A 258 -15.60 9.30 31.58
CA GLN A 258 -15.86 9.91 30.29
C GLN A 258 -14.60 10.59 29.77
N GLU A 259 -13.68 10.91 30.68
CA GLU A 259 -12.41 11.54 30.31
C GLU A 259 -11.58 10.61 29.44
N LEU A 260 -11.93 9.33 29.43
CA LEU A 260 -11.22 8.34 28.63
C LEU A 260 -11.48 8.52 27.14
N GLY A 261 -12.49 9.32 26.81
CA GLY A 261 -12.84 9.58 25.42
C GLY A 261 -13.20 8.31 24.70
N LEU A 262 -14.04 7.51 25.34
CA LEU A 262 -14.46 6.24 24.78
C LEU A 262 -15.87 6.27 24.27
N LYS A 263 -16.08 5.48 23.22
CA LYS A 263 -17.37 5.35 22.57
C LYS A 263 -17.32 4.07 21.76
N TRP A 264 -18.44 3.68 21.17
CA TRP A 264 -18.47 2.48 20.36
C TRP A 264 -19.71 2.55 19.50
N TYR A 265 -19.69 1.89 18.34
CA TYR A 265 -20.87 1.89 17.47
C TYR A 265 -21.98 1.03 18.05
N ALA A 266 -23.20 1.45 17.76
CA ALA A 266 -24.36 0.74 18.27
C ALA A 266 -24.77 -0.45 17.43
N LEU A 267 -24.23 -0.56 16.22
CA LEU A 267 -24.62 -1.64 15.33
C LEU A 267 -23.65 -2.79 15.09
N PRO A 268 -24.00 -3.98 15.62
CA PRO A 268 -23.19 -5.20 15.48
C PRO A 268 -23.78 -5.90 14.26
N ALA A 269 -23.18 -5.63 13.12
CA ALA A 269 -23.65 -6.21 11.88
C ALA A 269 -22.51 -6.96 11.22
N VAL A 270 -22.64 -8.29 11.20
CA VAL A 270 -21.63 -9.18 10.61
C VAL A 270 -21.71 -9.07 9.10
N ALA A 271 -20.57 -8.80 8.47
CA ALA A 271 -20.51 -8.62 7.02
C ALA A 271 -20.09 -9.82 6.19
N ASN A 272 -18.87 -10.29 6.44
CA ASN A 272 -18.25 -11.38 5.69
C ASN A 272 -18.71 -12.84 5.78
N MET A 273 -19.94 -13.11 6.21
CA MET A 273 -20.38 -14.51 6.28
C MET A 273 -21.17 -15.04 5.07
N LEU A 274 -21.34 -16.36 4.99
CA LEU A 274 -22.02 -16.97 3.85
C LEU A 274 -23.24 -17.81 4.20
N LEU A 275 -24.34 -17.52 3.52
CA LEU A 275 -25.59 -18.25 3.75
C LEU A 275 -25.77 -19.40 2.77
N GLU A 276 -25.76 -20.62 3.29
CA GLU A 276 -25.96 -21.80 2.46
C GLU A 276 -27.38 -22.28 2.70
N VAL A 277 -28.06 -22.65 1.62
CA VAL A 277 -29.42 -23.15 1.70
C VAL A 277 -29.77 -23.94 0.45
N GLY A 278 -30.42 -25.09 0.65
CA GLY A 278 -30.83 -25.94 -0.46
C GLY A 278 -29.83 -26.06 -1.59
N GLY A 279 -28.54 -26.16 -1.25
CA GLY A 279 -27.52 -26.27 -2.28
C GLY A 279 -26.92 -24.97 -2.75
N LEU A 280 -27.71 -23.89 -2.74
CA LEU A 280 -27.23 -22.58 -3.17
C LEU A 280 -26.43 -21.93 -2.06
N GLU A 281 -25.70 -20.88 -2.41
CA GLU A 281 -24.90 -20.15 -1.43
C GLU A 281 -24.73 -18.67 -1.76
N PHE A 282 -24.99 -17.82 -0.77
CA PHE A 282 -24.88 -16.38 -0.92
C PHE A 282 -23.69 -15.87 -0.14
N PRO A 283 -22.55 -15.70 -0.82
CA PRO A 283 -21.30 -15.22 -0.22
C PRO A 283 -21.32 -13.80 0.34
N ALA A 284 -22.44 -13.11 0.14
CA ALA A 284 -22.64 -11.74 0.64
C ALA A 284 -24.05 -11.68 1.21
N CYS A 285 -24.15 -11.42 2.52
CA CYS A 285 -25.45 -11.35 3.19
C CYS A 285 -25.33 -10.82 4.61
N PRO A 286 -24.86 -9.57 4.76
CA PRO A 286 -24.71 -8.96 6.07
C PRO A 286 -25.98 -9.00 6.88
N PHE A 287 -25.82 -9.25 8.18
CA PHE A 287 -26.94 -9.32 9.10
C PHE A 287 -26.55 -8.68 10.42
N ASN A 288 -27.55 -8.41 11.25
CA ASN A 288 -27.31 -7.78 12.54
C ASN A 288 -28.33 -8.15 13.59
N GLY A 289 -27.89 -8.05 14.84
CA GLY A 289 -28.78 -8.26 15.96
C GLY A 289 -28.50 -6.98 16.70
N TRP A 290 -28.31 -7.07 18.00
CA TRP A 290 -27.97 -5.91 18.79
C TRP A 290 -26.91 -6.38 19.76
N TYR A 291 -26.12 -5.43 20.23
CA TYR A 291 -25.06 -5.76 21.15
C TYR A 291 -25.49 -6.41 22.44
N MET A 292 -24.52 -7.08 23.03
CA MET A 292 -24.63 -7.73 24.33
C MET A 292 -23.42 -7.12 25.03
N GLY A 293 -23.68 -6.39 26.11
CA GLY A 293 -22.62 -5.71 26.83
C GLY A 293 -21.19 -6.21 26.76
N THR A 294 -20.98 -7.43 27.24
CA THR A 294 -19.65 -8.05 27.28
C THR A 294 -18.85 -8.00 25.99
N GLU A 295 -19.53 -7.82 24.86
CA GLU A 295 -18.85 -7.76 23.57
C GLU A 295 -17.95 -6.52 23.51
N ILE A 296 -18.51 -5.41 23.97
CA ILE A 296 -17.81 -4.14 23.97
C ILE A 296 -16.98 -3.98 25.23
N GLY A 297 -17.63 -4.16 26.37
CA GLY A 297 -16.96 -4.00 27.65
C GLY A 297 -15.82 -4.95 27.93
N VAL A 298 -15.97 -6.21 27.56
CA VAL A 298 -14.92 -7.16 27.84
C VAL A 298 -14.00 -7.40 26.65
N ARG A 299 -14.59 -7.79 25.53
CA ARG A 299 -13.81 -8.10 24.34
C ARG A 299 -13.18 -6.91 23.65
N ASP A 300 -14.02 -6.00 23.18
CA ASP A 300 -13.57 -4.82 22.46
C ASP A 300 -12.65 -3.90 23.26
N PHE A 301 -13.09 -3.56 24.48
CA PHE A 301 -12.33 -2.67 25.33
C PHE A 301 -11.19 -3.29 26.12
N CYS A 302 -11.33 -4.57 26.51
CA CYS A 302 -10.31 -5.21 27.33
C CYS A 302 -9.33 -6.25 26.78
N ASP A 303 -9.51 -6.69 25.53
CA ASP A 303 -8.56 -7.63 24.94
C ASP A 303 -7.22 -6.95 24.71
N THR A 304 -6.13 -7.70 24.82
CA THR A 304 -4.79 -7.16 24.60
C THR A 304 -4.68 -6.74 23.14
N GLN A 305 -5.32 -7.52 22.29
CA GLN A 305 -5.33 -7.33 20.85
C GLN A 305 -6.34 -6.30 20.34
N ARG A 306 -7.12 -5.72 21.24
CA ARG A 306 -8.10 -4.70 20.84
C ARG A 306 -7.72 -3.36 21.46
N TYR A 307 -8.71 -2.67 22.02
CA TYR A 307 -8.43 -1.37 22.61
C TYR A 307 -7.56 -1.44 23.86
N ASN A 308 -7.59 -2.57 24.55
CA ASN A 308 -6.74 -2.79 25.72
C ASN A 308 -6.75 -1.63 26.73
N ILE A 309 -7.90 -1.41 27.38
CA ILE A 309 -8.02 -0.32 28.32
C ILE A 309 -7.83 -0.71 29.78
N LEU A 310 -8.04 -1.98 30.10
CA LEU A 310 -7.93 -2.50 31.47
C LEU A 310 -6.84 -1.91 32.35
N GLU A 311 -5.65 -1.76 31.79
CA GLU A 311 -4.51 -1.18 32.52
C GLU A 311 -4.88 0.11 33.25
N GLU A 312 -5.31 1.12 32.49
CA GLU A 312 -5.67 2.41 33.08
C GLU A 312 -7.02 2.54 33.74
N VAL A 313 -7.96 1.66 33.42
CA VAL A 313 -9.26 1.73 34.06
C VAL A 313 -9.01 1.29 35.49
N GLY A 314 -8.03 0.40 35.66
CA GLY A 314 -7.68 -0.07 36.97
C GLY A 314 -6.92 1.02 37.70
N ARG A 315 -5.95 1.63 37.02
CA ARG A 315 -5.13 2.70 37.59
C ARG A 315 -5.97 3.83 38.11
N ARG A 316 -6.87 4.35 37.26
CA ARG A 316 -7.74 5.45 37.62
C ARG A 316 -8.76 5.06 38.69
N MET A 317 -8.92 3.76 38.92
CA MET A 317 -9.81 3.26 39.96
C MET A 317 -9.01 3.15 41.26
N GLY A 318 -7.68 3.22 41.11
CA GLY A 318 -6.78 3.15 42.25
C GLY A 318 -6.40 1.78 42.75
N LEU A 319 -6.65 0.73 41.99
CA LEU A 319 -6.32 -0.62 42.43
C LEU A 319 -4.85 -0.99 42.27
N GLU A 320 -4.45 -2.06 42.96
CA GLU A 320 -3.07 -2.56 42.94
C GLU A 320 -2.80 -3.25 41.63
N THR A 321 -2.56 -2.44 40.62
CA THR A 321 -2.31 -2.86 39.27
C THR A 321 -1.08 -3.76 39.06
N HIS A 322 -0.21 -3.83 40.06
CA HIS A 322 1.00 -4.65 39.95
C HIS A 322 0.95 -5.90 40.81
N THR A 323 -0.26 -6.25 41.23
CA THR A 323 -0.51 -7.42 42.07
C THR A 323 -1.70 -8.17 41.48
N LEU A 324 -1.43 -9.20 40.68
CA LEU A 324 -2.51 -10.00 40.07
C LEU A 324 -3.54 -10.46 41.08
N ALA A 325 -3.07 -11.03 42.18
CA ALA A 325 -3.90 -11.57 43.25
C ALA A 325 -4.91 -10.62 43.90
N SER A 326 -4.85 -9.33 43.59
CA SER A 326 -5.79 -8.37 44.15
C SER A 326 -7.13 -8.35 43.40
N LEU A 327 -7.21 -9.16 42.34
CA LEU A 327 -8.41 -9.27 41.50
C LEU A 327 -8.90 -7.95 40.92
N TRP A 328 -7.98 -7.01 40.72
CA TRP A 328 -8.32 -5.70 40.18
C TRP A 328 -8.94 -5.82 38.81
N LYS A 329 -8.36 -6.69 37.98
CA LYS A 329 -8.88 -6.92 36.65
C LYS A 329 -10.37 -7.33 36.74
N ASP A 330 -10.73 -8.15 37.72
CA ASP A 330 -12.13 -8.54 37.88
C ASP A 330 -12.98 -7.33 38.19
N ARG A 331 -12.47 -6.46 39.05
CA ARG A 331 -13.18 -5.26 39.45
C ARG A 331 -13.32 -4.26 38.32
N ALA A 332 -12.20 -3.98 37.67
CA ALA A 332 -12.18 -3.03 36.57
C ALA A 332 -13.18 -3.38 35.49
N VAL A 333 -13.02 -4.58 34.93
CA VAL A 333 -13.87 -5.04 33.85
C VAL A 333 -15.33 -4.85 34.17
N THR A 334 -15.71 -5.28 35.36
CA THR A 334 -17.10 -5.18 35.76
C THR A 334 -17.60 -3.75 35.63
N GLU A 335 -16.75 -2.80 36.02
CA GLU A 335 -17.10 -1.37 35.94
C GLU A 335 -17.20 -0.90 34.49
N ILE A 336 -16.30 -1.39 33.65
CA ILE A 336 -16.32 -1.04 32.24
C ILE A 336 -17.66 -1.56 31.68
N ASN A 337 -18.04 -2.74 32.12
CA ASN A 337 -19.29 -3.32 31.65
C ASN A 337 -20.48 -2.48 32.00
N VAL A 338 -20.56 -2.00 33.24
CA VAL A 338 -21.69 -1.15 33.62
C VAL A 338 -21.62 0.18 32.88
N ALA A 339 -20.41 0.64 32.60
CA ALA A 339 -20.22 1.89 31.87
C ALA A 339 -20.93 1.74 30.53
N VAL A 340 -20.63 0.63 29.84
CA VAL A 340 -21.21 0.32 28.56
C VAL A 340 -22.72 0.18 28.66
N LEU A 341 -23.19 -0.68 29.56
CA LEU A 341 -24.63 -0.88 29.73
C LEU A 341 -25.31 0.43 30.06
N HIS A 342 -24.73 1.17 30.98
CA HIS A 342 -25.25 2.45 31.40
C HIS A 342 -25.35 3.37 30.21
N SER A 343 -24.20 3.59 29.55
CA SER A 343 -24.10 4.45 28.37
C SER A 343 -25.10 4.13 27.27
N PHE A 344 -25.35 2.85 27.03
CA PHE A 344 -26.32 2.44 26.01
C PHE A 344 -27.73 2.74 26.51
N GLN A 345 -27.99 2.36 27.76
CA GLN A 345 -29.27 2.57 28.40
C GLN A 345 -29.61 4.05 28.44
N LYS A 346 -28.64 4.85 28.85
CA LYS A 346 -28.75 6.30 28.96
C LYS A 346 -29.21 6.93 27.64
N GLN A 347 -28.50 6.60 26.58
CA GLN A 347 -28.79 7.15 25.26
C GLN A 347 -29.81 6.37 24.44
N ASN A 348 -30.66 5.62 25.12
CA ASN A 348 -31.71 4.82 24.49
C ASN A 348 -31.33 3.99 23.25
N VAL A 349 -30.24 3.23 23.40
CA VAL A 349 -29.73 2.36 22.37
C VAL A 349 -29.79 0.92 22.87
N THR A 350 -30.56 0.10 22.18
CA THR A 350 -30.72 -1.30 22.54
C THR A 350 -29.42 -2.05 22.84
N ILE A 351 -29.46 -2.81 23.93
CA ILE A 351 -28.34 -3.63 24.36
C ILE A 351 -28.89 -4.60 25.40
N MET A 352 -28.16 -5.68 25.65
CA MET A 352 -28.60 -6.65 26.64
C MET A 352 -27.39 -7.13 27.42
N ASP A 353 -27.53 -7.16 28.74
CA ASP A 353 -26.46 -7.63 29.61
C ASP A 353 -26.33 -9.13 29.38
N HIS A 354 -25.16 -9.69 29.67
CA HIS A 354 -24.94 -11.10 29.46
C HIS A 354 -25.81 -12.04 30.28
N HIS A 355 -26.19 -11.63 31.49
CA HIS A 355 -27.03 -12.47 32.34
C HIS A 355 -28.43 -12.67 31.76
N THR A 356 -29.14 -11.58 31.49
CA THR A 356 -30.48 -11.66 30.92
C THR A 356 -30.42 -12.37 29.57
N ALA A 357 -29.30 -12.21 28.88
CA ALA A 357 -29.12 -12.84 27.56
C ALA A 357 -29.05 -14.34 27.68
N SER A 358 -28.24 -14.79 28.64
CA SER A 358 -28.05 -16.21 28.89
C SER A 358 -29.35 -16.86 29.36
N GLU A 359 -30.06 -16.20 30.26
CA GLU A 359 -31.30 -16.73 30.76
C GLU A 359 -32.29 -16.93 29.64
N SER A 360 -32.31 -15.99 28.70
CA SER A 360 -33.21 -16.05 27.55
C SER A 360 -32.78 -17.15 26.59
N PHE A 361 -31.48 -17.38 26.49
CA PHE A 361 -31.02 -18.43 25.61
C PHE A 361 -31.44 -19.77 26.18
N MET A 362 -31.40 -19.89 27.50
CA MET A 362 -31.82 -21.13 28.16
C MET A 362 -33.27 -21.40 27.79
N LYS A 363 -34.07 -20.34 27.73
CA LYS A 363 -35.48 -20.46 27.37
C LYS A 363 -35.56 -20.84 25.89
N HIS A 364 -34.60 -20.38 25.10
CA HIS A 364 -34.59 -20.70 23.69
C HIS A 364 -34.47 -22.21 23.49
N MET A 365 -33.49 -22.83 24.15
CA MET A 365 -33.28 -24.27 24.07
C MET A 365 -34.53 -25.05 24.43
N GLN A 366 -35.09 -24.75 25.60
CA GLN A 366 -36.29 -25.41 26.07
C GLN A 366 -37.37 -25.39 24.99
N ASN A 367 -37.48 -24.28 24.28
CA ASN A 367 -38.46 -24.14 23.20
C ASN A 367 -38.00 -24.97 22.01
N GLU A 368 -36.71 -24.89 21.74
CA GLU A 368 -36.09 -25.58 20.61
C GLU A 368 -36.12 -27.10 20.65
N TYR A 369 -35.75 -27.69 21.79
CA TYR A 369 -35.75 -29.14 21.95
C TYR A 369 -37.17 -29.66 21.89
N ARG A 370 -38.01 -29.08 22.75
CA ARG A 370 -39.41 -29.44 22.82
C ARG A 370 -40.03 -29.35 21.42
N ALA A 371 -39.63 -28.32 20.68
CA ALA A 371 -40.15 -28.11 19.33
C ALA A 371 -39.57 -29.08 18.29
N ARG A 372 -38.38 -28.80 17.78
CA ARG A 372 -37.78 -29.66 16.77
C ARG A 372 -36.95 -30.86 17.21
N GLY A 373 -36.44 -30.84 18.43
CA GLY A 373 -35.68 -31.99 18.90
C GLY A 373 -34.21 -31.79 19.19
N GLY A 374 -33.71 -30.58 18.95
CA GLY A 374 -32.31 -30.30 19.22
C GLY A 374 -32.05 -28.81 19.16
N CYS A 375 -30.79 -28.45 19.17
CA CYS A 375 -30.37 -27.05 19.11
C CYS A 375 -28.85 -27.00 19.11
N PRO A 376 -28.25 -26.79 17.93
CA PRO A 376 -26.79 -26.72 17.82
C PRO A 376 -26.19 -25.60 18.66
N ALA A 377 -25.30 -25.97 19.57
CA ALA A 377 -24.68 -24.99 20.46
C ALA A 377 -23.18 -25.14 20.65
N ASP A 378 -22.46 -24.03 20.58
CA ASP A 378 -21.01 -24.01 20.77
C ASP A 378 -20.77 -23.41 22.15
N TRP A 379 -20.72 -24.27 23.15
CA TRP A 379 -20.51 -23.86 24.53
C TRP A 379 -19.40 -22.82 24.62
N ILE A 380 -18.26 -23.13 24.02
CA ILE A 380 -17.11 -22.24 24.04
C ILE A 380 -17.49 -20.82 23.64
N TRP A 381 -18.37 -20.70 22.66
CA TRP A 381 -18.82 -19.40 22.21
C TRP A 381 -19.97 -18.84 22.99
N LEU A 382 -20.93 -19.68 23.35
CA LEU A 382 -22.10 -19.25 24.07
C LEU A 382 -21.87 -18.77 25.49
N VAL A 383 -20.83 -19.26 26.15
CA VAL A 383 -20.55 -18.82 27.50
C VAL A 383 -19.85 -17.45 27.50
N PRO A 384 -20.47 -16.45 28.16
CA PRO A 384 -19.96 -15.09 28.27
C PRO A 384 -18.50 -15.04 28.72
N PRO A 385 -17.72 -14.09 28.18
CA PRO A 385 -16.31 -13.90 28.49
C PRO A 385 -15.98 -13.53 29.93
N VAL A 386 -17.03 -13.31 30.73
CA VAL A 386 -16.87 -13.01 32.15
C VAL A 386 -18.01 -13.62 32.92
N SER A 387 -17.72 -14.03 34.15
CA SER A 387 -18.75 -14.59 35.00
C SER A 387 -19.40 -15.82 34.37
N GLY A 388 -18.57 -16.72 33.87
CA GLY A 388 -19.04 -17.94 33.23
C GLY A 388 -20.05 -18.73 34.03
N SER A 389 -19.62 -19.29 35.16
CA SER A 389 -20.50 -20.11 35.99
C SER A 389 -21.66 -19.42 36.66
N ILE A 390 -21.67 -18.08 36.65
CA ILE A 390 -22.78 -17.33 37.25
C ILE A 390 -23.92 -17.40 36.27
N THR A 391 -23.56 -17.72 35.03
CA THR A 391 -24.47 -17.85 33.93
C THR A 391 -24.99 -19.28 33.82
N PRO A 392 -26.27 -19.45 33.47
CA PRO A 392 -26.94 -20.74 33.32
C PRO A 392 -26.33 -21.61 32.21
N VAL A 393 -25.86 -20.98 31.14
CA VAL A 393 -25.30 -21.69 30.01
C VAL A 393 -24.00 -22.45 30.28
N PHE A 394 -23.29 -22.05 31.33
CA PHE A 394 -22.03 -22.69 31.69
C PHE A 394 -22.28 -24.10 32.14
N HIS A 395 -23.35 -24.25 32.92
CA HIS A 395 -23.77 -25.51 33.49
C HIS A 395 -24.66 -26.29 32.56
N GLN A 396 -24.68 -25.90 31.29
CA GLN A 396 -25.50 -26.56 30.30
C GLN A 396 -24.67 -27.33 29.27
N GLU A 397 -24.90 -28.63 29.19
CA GLU A 397 -24.19 -29.48 28.23
C GLU A 397 -24.81 -29.24 26.87
N MET A 398 -23.97 -29.18 25.85
CA MET A 398 -24.48 -28.92 24.52
C MET A 398 -23.67 -29.55 23.40
N LEU A 399 -24.37 -29.87 22.32
CA LEU A 399 -23.79 -30.47 21.12
C LEU A 399 -23.65 -29.40 20.04
N ASN A 400 -22.48 -29.34 19.43
CA ASN A 400 -22.18 -28.36 18.40
C ASN A 400 -22.18 -29.03 17.03
N TYR A 401 -23.28 -28.93 16.29
CA TYR A 401 -23.36 -29.53 14.96
C TYR A 401 -23.91 -28.62 13.85
N VAL A 402 -23.38 -28.80 12.64
CA VAL A 402 -23.76 -28.02 11.46
C VAL A 402 -24.98 -28.57 10.70
N LEU A 403 -26.03 -27.77 10.61
CA LEU A 403 -27.24 -28.17 9.92
C LEU A 403 -27.31 -27.33 8.65
N SER A 404 -28.49 -27.32 8.02
CA SER A 404 -28.74 -26.53 6.81
C SER A 404 -30.16 -26.01 6.88
N PRO A 405 -30.37 -24.72 6.53
CA PRO A 405 -29.36 -23.75 6.08
C PRO A 405 -28.36 -23.36 7.17
N PHE A 406 -27.32 -22.61 6.78
CA PHE A 406 -26.28 -22.26 7.73
C PHE A 406 -25.46 -21.03 7.31
N TYR A 407 -24.87 -20.38 8.30
CA TYR A 407 -24.02 -19.20 8.07
C TYR A 407 -22.58 -19.63 8.23
N TYR A 408 -21.92 -19.92 7.12
CA TYR A 408 -20.54 -20.34 7.15
C TYR A 408 -19.60 -19.17 7.16
N TYR A 409 -18.38 -19.42 7.62
CA TYR A 409 -17.32 -18.42 7.60
C TYR A 409 -16.86 -18.54 6.16
N GLN A 410 -15.88 -17.74 5.77
CA GLN A 410 -15.33 -17.85 4.42
C GLN A 410 -13.98 -17.20 4.29
N ILE A 411 -13.16 -17.76 3.43
CA ILE A 411 -11.81 -17.25 3.23
C ILE A 411 -11.80 -15.77 2.93
N GLU A 412 -10.98 -15.04 3.67
CA GLU A 412 -10.86 -13.61 3.48
C GLU A 412 -10.60 -13.38 2.00
N PRO A 413 -11.53 -12.73 1.32
CA PRO A 413 -11.51 -12.40 -0.11
C PRO A 413 -10.23 -11.81 -0.69
N TRP A 414 -9.51 -11.00 0.09
CA TRP A 414 -8.27 -10.41 -0.42
C TRP A 414 -7.16 -11.44 -0.62
N LYS A 415 -7.41 -12.65 -0.15
CA LYS A 415 -6.45 -13.73 -0.30
C LYS A 415 -6.71 -14.44 -1.61
N THR A 416 -7.98 -14.61 -1.95
CA THR A 416 -8.41 -15.29 -3.17
C THR A 416 -9.05 -14.35 -4.21
N HIS A 417 -8.33 -13.33 -4.65
CA HIS A 417 -8.91 -12.44 -5.64
C HIS A 417 -8.09 -12.02 -6.85
N ILE A 418 -8.84 -11.86 -7.95
CA ILE A 418 -8.38 -11.45 -9.28
C ILE A 418 -8.08 -9.95 -9.35
N TRP A 419 -7.01 -9.58 -10.04
CA TRP A 419 -6.69 -8.17 -10.18
C TRP A 419 -6.55 -7.73 -11.64
N GLN A 420 -7.66 -7.20 -12.17
CA GLN A 420 -7.74 -6.73 -13.54
C GLN A 420 -7.46 -5.22 -13.63
N GLN B 1 -3.28 17.48 -32.21
CA GLN B 1 -4.12 17.50 -31.01
C GLN B 1 -3.81 18.70 -30.10
N TYR B 2 -3.08 18.47 -29.01
CA TYR B 2 -2.69 19.53 -28.09
C TYR B 2 -1.37 19.13 -27.42
N VAL B 3 -0.77 20.06 -26.67
CA VAL B 3 0.49 19.77 -25.99
C VAL B 3 0.33 19.89 -24.49
N ARG B 4 0.75 18.85 -23.78
CA ARG B 4 0.67 18.84 -22.34
C ARG B 4 1.85 19.62 -21.76
N ILE B 5 1.55 20.55 -20.85
CA ILE B 5 2.56 21.38 -20.18
C ILE B 5 2.31 21.32 -18.68
N LYS B 6 3.36 21.11 -17.91
CA LYS B 6 3.23 21.00 -16.46
C LYS B 6 4.02 22.06 -15.72
N ASN B 7 3.50 22.44 -14.56
CA ASN B 7 4.18 23.39 -13.70
C ASN B 7 4.70 22.58 -12.53
N TRP B 8 6.00 22.45 -12.43
CA TRP B 8 6.60 21.64 -11.39
C TRP B 8 6.43 22.12 -9.96
N GLY B 9 5.82 23.28 -9.78
CA GLY B 9 5.60 23.80 -8.44
C GLY B 9 4.19 23.48 -7.96
N SER B 10 3.21 23.66 -8.84
CA SER B 10 1.80 23.42 -8.56
C SER B 10 1.39 22.01 -8.92
N GLY B 11 2.07 21.44 -9.91
CA GLY B 11 1.71 20.13 -10.40
C GLY B 11 0.54 20.36 -11.34
N GLU B 12 0.19 21.63 -11.52
CA GLU B 12 -0.90 22.02 -12.38
C GLU B 12 -0.51 21.70 -13.82
N ILE B 13 -1.45 21.15 -14.56
CA ILE B 13 -1.21 20.77 -15.94
C ILE B 13 -2.05 21.59 -16.91
N LEU B 14 -1.42 22.01 -18.00
CA LEU B 14 -2.07 22.81 -19.02
C LEU B 14 -1.94 22.16 -20.38
N HIS B 15 -2.94 22.38 -21.24
CA HIS B 15 -2.96 21.82 -22.59
C HIS B 15 -2.93 22.93 -23.65
N ASP B 16 -1.82 23.04 -24.38
CA ASP B 16 -1.69 24.07 -25.41
C ASP B 16 -2.45 23.73 -26.69
N THR B 17 -3.33 24.64 -27.09
CA THR B 17 -4.16 24.49 -28.27
C THR B 17 -3.68 25.50 -29.32
N LEU B 18 -3.37 26.69 -28.84
CA LEU B 18 -2.94 27.80 -29.66
C LEU B 18 -1.78 27.59 -30.62
N HIS B 19 -0.80 26.79 -30.22
CA HIS B 19 0.39 26.55 -31.05
C HIS B 19 0.14 26.17 -32.50
N HIS B 20 -1.10 25.77 -32.82
CA HIS B 20 -1.46 25.40 -34.17
C HIS B 20 -1.46 26.64 -35.06
N LYS B 21 -2.02 27.72 -34.54
CA LYS B 21 -2.10 28.99 -35.27
C LYS B 21 -0.71 29.64 -35.38
N ALA B 22 0.33 28.81 -35.38
CA ALA B 22 1.72 29.25 -35.46
C ALA B 22 2.18 29.68 -36.85
N THR B 23 3.27 30.46 -36.88
CA THR B 23 3.86 31.02 -38.10
C THR B 23 4.42 29.99 -39.09
N SER B 24 4.61 30.46 -40.32
CA SER B 24 5.15 29.68 -41.43
C SER B 24 6.61 29.27 -41.19
N SER B 32 7.92 25.83 -32.61
CA SER B 32 7.59 25.72 -31.20
C SER B 32 8.65 24.92 -30.44
N CYS B 33 9.63 25.60 -29.88
CA CYS B 33 10.67 24.91 -29.16
C CYS B 33 10.11 24.19 -27.95
N LEU B 34 10.44 22.91 -27.88
CA LEU B 34 10.05 22.06 -26.77
C LEU B 34 10.98 22.42 -25.61
N GLY B 35 12.13 23.01 -25.96
CA GLY B 35 13.17 23.43 -25.02
C GLY B 35 12.87 23.48 -23.54
N SER B 36 11.79 24.17 -23.16
CA SER B 36 11.39 24.30 -21.76
C SER B 36 10.79 23.04 -21.13
N ILE B 37 10.51 22.04 -21.95
CA ILE B 37 9.94 20.78 -21.45
C ILE B 37 11.01 19.95 -20.78
N MET B 38 10.64 19.38 -19.64
CA MET B 38 11.56 18.58 -18.82
C MET B 38 11.76 17.12 -19.22
N ASN B 39 10.67 16.37 -19.34
CA ASN B 39 10.73 14.94 -19.71
C ASN B 39 10.20 14.65 -21.12
N PRO B 40 10.83 15.21 -22.16
CA PRO B 40 10.34 14.94 -23.52
C PRO B 40 10.59 13.50 -23.94
N LYS B 41 9.79 13.01 -24.89
CA LYS B 41 9.94 11.65 -25.39
C LYS B 41 11.22 11.56 -26.21
N SER B 42 11.75 12.72 -26.59
CA SER B 42 12.98 12.81 -27.37
C SER B 42 14.24 12.58 -26.53
N LEU B 43 14.07 12.50 -25.21
CA LEU B 43 15.16 12.29 -24.26
C LEU B 43 14.91 11.06 -23.40
N THR B 44 13.84 10.34 -23.69
CA THR B 44 13.49 9.13 -22.97
C THR B 44 13.75 7.95 -23.90
N ARG B 45 13.96 6.76 -23.32
CA ARG B 45 14.19 5.55 -24.10
C ARG B 45 13.37 4.49 -23.37
N GLY B 46 12.15 4.27 -23.87
CA GLY B 46 11.22 3.34 -23.27
C GLY B 46 11.45 1.84 -23.33
N PRO B 47 10.51 1.05 -22.78
CA PRO B 47 10.48 -0.42 -22.70
C PRO B 47 10.54 -1.15 -24.04
N ARG B 48 10.55 -2.48 -23.96
CA ARG B 48 10.60 -3.36 -25.13
C ARG B 48 9.95 -4.74 -24.87
N ASP B 49 9.82 -5.51 -25.94
CA ASP B 49 9.25 -6.86 -25.93
C ASP B 49 10.04 -7.70 -26.93
N LYS B 50 10.58 -7.01 -27.92
CA LYS B 50 11.36 -7.62 -28.98
C LYS B 50 12.75 -6.98 -28.99
N PRO B 51 13.81 -7.78 -29.13
CA PRO B 51 15.18 -7.26 -29.16
C PRO B 51 15.31 -6.24 -30.27
N THR B 52 16.22 -5.30 -30.10
CA THR B 52 16.44 -4.27 -31.11
C THR B 52 16.66 -4.87 -32.52
N PRO B 53 15.68 -4.68 -33.43
CA PRO B 53 15.78 -5.19 -34.80
C PRO B 53 17.09 -4.82 -35.50
N LEU B 54 17.69 -5.86 -36.08
CA LEU B 54 18.95 -5.81 -36.81
C LEU B 54 19.28 -4.61 -37.71
N GLU B 55 18.36 -4.26 -38.61
CA GLU B 55 18.56 -3.16 -39.56
C GLU B 55 19.01 -1.83 -38.94
N GLU B 56 18.60 -1.58 -37.69
CA GLU B 56 18.99 -0.35 -37.00
C GLU B 56 20.13 -0.61 -36.00
N LEU B 57 20.09 -1.77 -35.35
CA LEU B 57 21.11 -2.17 -34.37
C LEU B 57 22.50 -2.27 -35.00
N LEU B 58 22.54 -2.75 -36.24
CA LEU B 58 23.78 -2.92 -36.97
C LEU B 58 24.51 -1.61 -37.28
N PRO B 59 23.85 -0.64 -37.95
CA PRO B 59 24.47 0.64 -38.29
C PRO B 59 24.87 1.46 -37.07
N HIS B 60 24.10 1.30 -35.98
CA HIS B 60 24.36 2.00 -34.72
C HIS B 60 25.69 1.48 -34.17
N ALA B 61 25.79 0.16 -34.09
CA ALA B 61 26.97 -0.51 -33.60
C ALA B 61 28.21 -0.08 -34.37
N ILE B 62 28.12 -0.16 -35.70
CA ILE B 62 29.23 0.19 -36.55
C ILE B 62 29.70 1.62 -36.31
N GLU B 63 28.74 2.52 -36.15
CA GLU B 63 29.01 3.93 -35.89
C GLU B 63 29.89 4.02 -34.64
N PHE B 64 29.44 3.36 -33.57
CA PHE B 64 30.17 3.35 -32.31
C PHE B 64 31.61 2.89 -32.47
N ILE B 65 31.77 1.71 -33.04
CA ILE B 65 33.08 1.13 -33.22
C ILE B 65 33.99 2.01 -34.06
N ASN B 66 33.42 2.73 -35.02
CA ASN B 66 34.21 3.63 -35.86
C ASN B 66 34.60 4.85 -35.04
N GLN B 67 33.80 5.14 -34.03
CA GLN B 67 34.02 6.25 -33.11
C GLN B 67 35.13 5.81 -32.15
N TYR B 68 34.95 4.62 -31.55
CA TYR B 68 35.90 4.04 -30.60
C TYR B 68 37.31 3.99 -31.18
N TYR B 69 37.44 3.34 -32.33
CA TYR B 69 38.74 3.22 -33.00
C TYR B 69 39.23 4.55 -33.57
N GLY B 70 38.35 5.54 -33.58
CA GLY B 70 38.71 6.85 -34.09
C GLY B 70 39.35 7.73 -33.05
N SER B 71 39.19 7.38 -31.78
CA SER B 71 39.74 8.17 -30.68
C SER B 71 41.27 8.27 -30.54
N PHE B 72 41.93 7.17 -30.20
CA PHE B 72 43.38 7.18 -29.99
C PHE B 72 44.30 7.59 -31.14
N LYS B 73 45.43 8.21 -30.78
CA LYS B 73 46.45 8.62 -31.75
C LYS B 73 46.94 7.28 -32.30
N GLU B 74 47.45 7.25 -33.53
CA GLU B 74 47.89 6.01 -34.19
C GLU B 74 46.84 4.89 -34.00
N ALA B 75 45.92 4.84 -34.96
CA ALA B 75 44.83 3.89 -34.95
C ALA B 75 45.24 2.46 -35.24
N LYS B 76 44.54 1.54 -34.57
CA LYS B 76 44.77 0.11 -34.73
C LYS B 76 43.92 -0.29 -35.95
N ILE B 77 44.32 0.28 -37.08
CA ILE B 77 43.70 0.11 -38.40
C ILE B 77 43.17 -1.29 -38.68
N GLU B 78 44.04 -2.28 -38.50
CA GLU B 78 43.68 -3.67 -38.74
C GLU B 78 42.65 -4.17 -37.74
N GLU B 79 42.89 -3.91 -36.46
CA GLU B 79 41.98 -4.32 -35.38
C GLU B 79 40.62 -3.68 -35.58
N HIS B 80 40.63 -2.51 -36.20
CA HIS B 80 39.43 -1.76 -36.50
C HIS B 80 38.53 -2.63 -37.37
N LEU B 81 39.04 -3.01 -38.56
CA LEU B 81 38.29 -3.84 -39.49
C LEU B 81 37.96 -5.17 -38.83
N ALA B 82 38.96 -5.72 -38.14
CA ALA B 82 38.82 -6.99 -37.45
C ALA B 82 37.65 -6.93 -36.48
N ARG B 83 37.64 -5.91 -35.63
CA ARG B 83 36.57 -5.71 -34.65
C ARG B 83 35.26 -5.47 -35.38
N LEU B 84 35.31 -4.59 -36.39
CA LEU B 84 34.15 -4.28 -37.20
C LEU B 84 33.53 -5.55 -37.73
N GLU B 85 34.34 -6.28 -38.49
CA GLU B 85 33.95 -7.55 -39.10
C GLU B 85 33.42 -8.48 -38.02
N ALA B 86 34.22 -8.68 -36.99
CA ALA B 86 33.87 -9.55 -35.88
C ALA B 86 32.50 -9.20 -35.29
N VAL B 87 32.30 -7.92 -35.01
CA VAL B 87 31.05 -7.44 -34.42
C VAL B 87 29.88 -7.66 -35.37
N THR B 88 30.07 -7.26 -36.63
CA THR B 88 29.05 -7.41 -37.65
C THR B 88 28.56 -8.85 -37.68
N LYS B 89 29.51 -9.78 -37.71
CA LYS B 89 29.19 -11.21 -37.73
C LYS B 89 28.56 -11.59 -36.41
N GLU B 90 29.20 -11.15 -35.32
CA GLU B 90 28.73 -11.42 -33.96
C GLU B 90 27.26 -11.01 -33.80
N ILE B 91 26.89 -9.92 -34.45
CA ILE B 91 25.54 -9.38 -34.41
C ILE B 91 24.58 -10.17 -35.31
N GLU B 92 24.93 -10.26 -36.59
CA GLU B 92 24.11 -10.97 -37.57
C GLU B 92 23.76 -12.40 -37.14
N THR B 93 24.67 -13.02 -36.38
CA THR B 93 24.52 -14.39 -35.89
C THR B 93 23.64 -14.63 -34.66
N THR B 94 23.95 -13.95 -33.56
CA THR B 94 23.18 -14.10 -32.31
C THR B 94 22.09 -13.06 -32.17
N GLY B 95 22.30 -11.92 -32.83
CA GLY B 95 21.37 -10.82 -32.75
C GLY B 95 22.13 -9.67 -32.12
N THR B 96 22.11 -9.62 -30.79
CA THR B 96 22.82 -8.57 -30.04
C THR B 96 24.34 -8.78 -30.05
N TYR B 97 25.06 -8.00 -29.25
CA TYR B 97 26.51 -8.13 -29.18
C TYR B 97 27.07 -7.53 -27.90
N GLN B 98 28.23 -8.03 -27.47
CA GLN B 98 28.86 -7.57 -26.25
C GLN B 98 30.04 -6.66 -26.54
N LEU B 99 30.21 -5.64 -25.70
CA LEU B 99 31.31 -4.71 -25.85
C LEU B 99 32.55 -5.24 -25.17
N THR B 100 33.71 -4.77 -25.61
CA THR B 100 34.94 -5.15 -24.95
C THR B 100 34.92 -4.23 -23.72
N LEU B 101 35.57 -4.64 -22.65
CA LEU B 101 35.61 -3.81 -21.44
C LEU B 101 36.09 -2.40 -21.76
N ASP B 102 37.21 -2.32 -22.47
CA ASP B 102 37.79 -1.05 -22.85
C ASP B 102 36.79 -0.19 -23.61
N GLU B 103 35.96 -0.83 -24.43
CA GLU B 103 34.94 -0.13 -25.21
C GLU B 103 33.91 0.51 -24.31
N LEU B 104 33.43 -0.26 -23.34
CA LEU B 104 32.44 0.22 -22.39
C LEU B 104 32.96 1.45 -21.66
N ILE B 105 34.23 1.42 -21.26
CA ILE B 105 34.87 2.55 -20.58
C ILE B 105 34.65 3.80 -21.42
N PHE B 106 35.10 3.72 -22.65
CA PHE B 106 35.00 4.80 -23.61
C PHE B 106 33.56 5.25 -23.79
N ALA B 107 32.63 4.29 -23.77
CA ALA B 107 31.22 4.60 -23.92
C ALA B 107 30.69 5.48 -22.81
N THR B 108 30.90 5.05 -21.57
CA THR B 108 30.43 5.80 -20.39
C THR B 108 30.97 7.22 -20.34
N LYS B 109 32.25 7.37 -20.66
CA LYS B 109 32.88 8.69 -20.65
C LYS B 109 32.34 9.56 -21.77
N MET B 110 32.09 8.93 -22.93
CA MET B 110 31.57 9.67 -24.07
C MET B 110 30.11 10.05 -23.80
N ALA B 111 29.36 9.12 -23.19
CA ALA B 111 27.96 9.34 -22.86
C ALA B 111 27.81 10.49 -21.91
N TRP B 112 28.77 10.63 -21.00
CA TRP B 112 28.78 11.72 -20.04
C TRP B 112 29.14 12.97 -20.82
N ARG B 113 30.15 12.85 -21.68
CA ARG B 113 30.60 13.95 -22.53
C ARG B 113 29.41 14.48 -23.33
N ASN B 114 28.46 13.59 -23.61
CA ASN B 114 27.24 13.90 -24.38
C ASN B 114 25.99 14.23 -23.57
N ALA B 115 26.14 14.46 -22.27
CA ALA B 115 24.99 14.79 -21.43
C ALA B 115 24.85 16.29 -21.46
N PRO B 116 24.01 16.83 -22.36
CA PRO B 116 23.80 18.26 -22.48
C PRO B 116 23.28 19.01 -21.26
N ARG B 117 22.80 18.28 -20.26
CA ARG B 117 22.27 18.89 -19.05
C ARG B 117 23.25 18.82 -17.84
N CYS B 118 24.53 18.52 -18.09
CA CYS B 118 25.56 18.43 -17.04
C CYS B 118 26.60 19.54 -17.16
N ILE B 119 26.93 20.18 -16.03
CA ILE B 119 27.94 21.24 -16.04
C ILE B 119 29.32 20.72 -15.67
N GLY B 120 29.37 19.55 -15.06
CA GLY B 120 30.65 19.01 -14.65
C GLY B 120 31.37 18.25 -15.74
N ARG B 121 30.89 18.38 -16.97
CA ARG B 121 31.49 17.64 -18.10
C ARG B 121 32.97 17.86 -18.37
N ILE B 122 33.59 18.85 -17.73
CA ILE B 122 35.04 19.02 -17.96
C ILE B 122 35.74 17.83 -17.31
N GLN B 123 35.03 17.19 -16.40
CA GLN B 123 35.52 16.03 -15.67
C GLN B 123 35.20 14.73 -16.41
N TRP B 124 34.63 14.84 -17.60
CA TRP B 124 34.22 13.69 -18.40
C TRP B 124 35.24 12.55 -18.55
N SER B 125 36.50 12.90 -18.69
CA SER B 125 37.58 11.92 -18.86
C SER B 125 37.97 11.22 -17.56
N ASN B 126 37.61 11.83 -16.43
CA ASN B 126 37.89 11.27 -15.11
C ASN B 126 36.70 10.52 -14.57
N LEU B 127 36.55 9.27 -15.01
CA LEU B 127 35.43 8.45 -14.56
C LEU B 127 35.89 7.05 -14.22
N GLN B 128 35.18 6.42 -13.31
CA GLN B 128 35.47 5.06 -12.88
C GLN B 128 34.29 4.21 -13.29
N VAL B 129 34.59 3.10 -13.95
CA VAL B 129 33.57 2.19 -14.44
C VAL B 129 33.58 0.88 -13.67
N PHE B 130 32.40 0.45 -13.22
CA PHE B 130 32.25 -0.81 -12.50
C PHE B 130 31.44 -1.77 -13.37
N ASP B 131 32.15 -2.71 -14.01
CA ASP B 131 31.55 -3.70 -14.91
C ASP B 131 30.76 -4.77 -14.17
N ALA B 132 29.45 -4.57 -14.10
CA ALA B 132 28.56 -5.52 -13.45
C ALA B 132 27.73 -6.23 -14.52
N ARG B 133 28.25 -6.25 -15.74
CA ARG B 133 27.57 -6.88 -16.87
C ARG B 133 27.27 -8.36 -16.62
N ASN B 134 28.07 -9.00 -15.77
CA ASN B 134 27.86 -10.41 -15.46
C ASN B 134 27.01 -10.63 -14.22
N CYS B 135 26.40 -9.57 -13.70
CA CYS B 135 25.54 -9.67 -12.53
C CYS B 135 24.28 -10.42 -12.95
N SER B 136 23.61 -11.05 -11.99
CA SER B 136 22.39 -11.81 -12.30
C SER B 136 21.30 -11.82 -11.22
N THR B 137 21.56 -11.16 -10.09
CA THR B 137 20.59 -11.11 -9.01
C THR B 137 20.55 -9.77 -8.29
N ALA B 138 19.41 -9.49 -7.66
CA ALA B 138 19.21 -8.25 -6.92
C ALA B 138 20.19 -8.14 -5.75
N GLN B 139 20.36 -9.25 -5.03
CA GLN B 139 21.29 -9.31 -3.89
C GLN B 139 22.68 -9.02 -4.40
N GLU B 140 22.93 -9.41 -5.65
CA GLU B 140 24.21 -9.22 -6.30
C GLU B 140 24.35 -7.75 -6.73
N MET B 141 23.25 -7.15 -7.14
CA MET B 141 23.23 -5.73 -7.55
C MET B 141 23.54 -4.89 -6.33
N PHE B 142 22.78 -5.13 -5.27
CA PHE B 142 22.93 -4.46 -3.98
C PHE B 142 24.43 -4.37 -3.64
N GLN B 143 25.14 -5.48 -3.77
CA GLN B 143 26.56 -5.51 -3.46
C GLN B 143 27.41 -4.63 -4.37
N HIS B 144 27.06 -4.59 -5.64
CA HIS B 144 27.81 -3.74 -6.59
C HIS B 144 27.56 -2.29 -6.26
N ILE B 145 26.34 -2.01 -5.86
CA ILE B 145 25.92 -0.66 -5.50
C ILE B 145 26.67 -0.17 -4.26
N CYS B 146 26.80 -1.04 -3.26
CA CYS B 146 27.50 -0.68 -2.05
C CYS B 146 28.97 -0.44 -2.38
N ARG B 147 29.55 -1.33 -3.17
CA ARG B 147 30.95 -1.18 -3.57
C ARG B 147 31.10 0.20 -4.22
N HIS B 148 30.07 0.59 -4.96
CA HIS B 148 30.04 1.87 -5.67
C HIS B 148 30.02 3.03 -4.70
N ILE B 149 28.94 3.09 -3.91
CA ILE B 149 28.76 4.14 -2.92
C ILE B 149 30.03 4.36 -2.14
N LEU B 150 30.57 3.26 -1.63
CA LEU B 150 31.79 3.30 -0.84
C LEU B 150 32.96 3.85 -1.62
N TYR B 151 33.16 3.37 -2.85
CA TYR B 151 34.26 3.84 -3.66
C TYR B 151 34.10 5.32 -3.95
N ALA B 152 32.88 5.67 -4.37
CA ALA B 152 32.52 7.03 -4.72
C ALA B 152 32.65 8.01 -3.57
N THR B 153 32.11 7.63 -2.41
CA THR B 153 32.15 8.48 -1.21
C THR B 153 33.57 8.81 -0.83
N ASN B 154 34.39 7.77 -0.70
CA ASN B 154 35.80 7.91 -0.37
C ASN B 154 36.07 8.86 0.80
N ASN B 155 35.22 8.75 1.81
CA ASN B 155 35.37 9.55 3.01
C ASN B 155 35.36 11.06 2.76
N GLY B 156 34.41 11.52 1.96
CA GLY B 156 34.31 12.93 1.65
C GLY B 156 35.01 13.38 0.39
N ASN B 157 36.11 12.73 0.03
CA ASN B 157 36.82 13.08 -1.19
C ASN B 157 36.08 12.33 -2.30
N ILE B 158 34.94 12.89 -2.72
CA ILE B 158 34.09 12.28 -3.75
C ILE B 158 34.80 11.91 -5.05
N ARG B 159 34.45 10.74 -5.58
CA ARG B 159 35.03 10.23 -6.82
C ARG B 159 33.91 9.81 -7.79
N SER B 160 33.97 10.34 -9.01
CA SER B 160 32.99 10.02 -10.03
C SER B 160 33.14 8.59 -10.49
N ALA B 161 32.02 7.89 -10.54
CA ALA B 161 32.03 6.51 -10.95
C ALA B 161 30.66 6.15 -11.49
N ILE B 162 30.58 5.00 -12.14
CA ILE B 162 29.35 4.49 -12.69
C ILE B 162 29.44 2.98 -12.65
N THR B 163 28.31 2.35 -12.42
CA THR B 163 28.26 0.90 -12.37
C THR B 163 27.26 0.38 -13.42
N VAL B 164 27.83 -0.16 -14.49
CA VAL B 164 27.11 -0.73 -15.63
C VAL B 164 26.60 -2.13 -15.38
N PHE B 165 25.29 -2.29 -15.32
CA PHE B 165 24.69 -3.61 -15.12
C PHE B 165 24.46 -4.28 -16.47
N PRO B 166 24.03 -5.56 -16.47
CA PRO B 166 23.80 -6.27 -17.73
C PRO B 166 22.91 -5.52 -18.70
N GLN B 167 23.37 -5.44 -19.95
CA GLN B 167 22.66 -4.77 -21.02
C GLN B 167 21.26 -5.31 -21.21
N ARG B 168 20.54 -4.75 -22.15
CA ARG B 168 19.19 -5.21 -22.43
C ARG B 168 19.25 -6.30 -23.49
N SER B 169 18.54 -7.39 -23.24
CA SER B 169 18.49 -8.49 -24.19
C SER B 169 17.22 -8.36 -25.03
N ASP B 170 16.14 -8.97 -24.57
CA ASP B 170 14.88 -8.94 -25.29
C ASP B 170 14.02 -7.73 -24.94
N GLY B 171 13.71 -7.58 -23.65
CA GLY B 171 12.89 -6.48 -23.18
C GLY B 171 12.18 -6.84 -21.89
N LYS B 172 11.94 -8.14 -21.69
CA LYS B 172 11.30 -8.63 -20.48
C LYS B 172 12.35 -9.02 -19.44
N HIS B 173 13.62 -8.88 -19.82
CA HIS B 173 14.74 -9.22 -18.94
C HIS B 173 15.61 -8.00 -18.58
N ASP B 174 14.96 -6.98 -18.02
CA ASP B 174 15.60 -5.71 -17.60
C ASP B 174 16.10 -5.60 -16.15
N PHE B 175 17.29 -5.03 -16.00
CA PHE B 175 17.89 -4.78 -14.69
C PHE B 175 17.56 -3.32 -14.38
N ARG B 176 16.80 -3.06 -13.32
CA ARG B 176 16.43 -1.68 -13.00
C ARG B 176 16.52 -1.30 -11.53
N LEU B 177 16.94 -0.06 -11.30
CA LEU B 177 17.00 0.49 -9.97
C LEU B 177 15.79 1.40 -10.03
N TRP B 178 14.85 1.21 -9.12
CA TRP B 178 13.64 2.02 -9.13
C TRP B 178 13.80 3.41 -8.51
N ASN B 179 14.90 3.62 -7.80
CA ASN B 179 15.17 4.89 -7.16
C ASN B 179 15.58 5.98 -8.14
N SER B 180 15.26 7.23 -7.81
CA SER B 180 15.60 8.39 -8.63
C SER B 180 17.12 8.48 -8.64
N GLN B 181 17.69 8.27 -7.47
CA GLN B 181 19.12 8.29 -7.27
C GLN B 181 19.42 7.34 -6.12
N LEU B 182 20.69 6.96 -5.99
CA LEU B 182 21.13 6.03 -4.95
C LEU B 182 20.63 6.41 -3.57
N ILE B 183 21.14 7.52 -3.03
CA ILE B 183 20.71 8.02 -1.74
C ILE B 183 19.67 9.11 -1.96
N ARG B 184 18.62 9.08 -1.16
CA ARG B 184 17.53 10.02 -1.29
C ARG B 184 16.73 9.91 0.01
N TYR B 185 16.19 11.03 0.48
CA TYR B 185 15.41 11.00 1.70
C TYR B 185 13.96 10.67 1.43
N ALA B 186 13.31 10.09 2.44
CA ALA B 186 11.90 9.72 2.33
C ALA B 186 10.99 10.93 2.50
N GLY B 187 9.75 10.78 2.05
CA GLY B 187 8.76 11.84 2.16
C GLY B 187 7.41 11.23 2.48
N TYR B 188 6.87 11.55 3.66
CA TYR B 188 5.59 11.00 4.06
C TYR B 188 4.54 12.05 4.30
N GLN B 189 3.33 11.84 3.77
CA GLN B 189 2.26 12.79 4.03
C GLN B 189 1.78 12.39 5.41
N MET B 190 1.81 13.36 6.32
CA MET B 190 1.43 13.12 7.70
C MET B 190 -0.08 13.24 7.95
N PRO B 191 -0.52 12.73 9.12
CA PRO B 191 -1.91 12.75 9.57
C PRO B 191 -2.43 14.20 9.73
N ASP B 192 -1.61 15.02 10.38
CA ASP B 192 -1.94 16.43 10.61
C ASP B 192 -1.95 17.29 9.33
N GLY B 193 -2.18 16.64 8.19
CA GLY B 193 -2.24 17.33 6.91
C GLY B 193 -0.91 17.80 6.35
N THR B 194 0.12 17.83 7.19
CA THR B 194 1.45 18.28 6.76
C THR B 194 2.22 17.27 5.91
N ILE B 195 3.50 17.56 5.67
CA ILE B 195 4.40 16.71 4.89
C ILE B 195 5.82 16.80 5.44
N ARG B 196 6.39 15.64 5.85
CA ARG B 196 7.75 15.57 6.37
C ARG B 196 8.73 15.06 5.33
N GLY B 197 10.00 15.41 5.52
CA GLY B 197 11.06 14.98 4.61
C GLY B 197 11.00 15.58 3.22
N ASP B 198 11.57 14.86 2.26
CA ASP B 198 11.60 15.30 0.87
C ASP B 198 10.25 15.06 0.18
N ALA B 199 9.53 16.14 -0.08
CA ALA B 199 8.22 16.08 -0.72
C ALA B 199 8.27 15.46 -2.11
N ALA B 200 9.42 15.55 -2.76
CA ALA B 200 9.61 15.01 -4.10
C ALA B 200 9.45 13.50 -4.18
N THR B 201 10.02 12.80 -3.20
CA THR B 201 9.96 11.34 -3.13
C THR B 201 8.76 10.81 -2.35
N LEU B 202 7.61 11.46 -2.50
CA LEU B 202 6.39 11.05 -1.81
C LEU B 202 5.80 9.75 -2.36
N GLU B 203 5.58 9.71 -3.68
CA GLU B 203 5.02 8.54 -4.33
C GLU B 203 5.96 7.35 -4.13
N PHE B 204 7.22 7.57 -4.47
CA PHE B 204 8.24 6.54 -4.35
C PHE B 204 8.34 6.00 -2.93
N THR B 205 8.11 6.86 -1.95
CA THR B 205 8.17 6.43 -0.56
C THR B 205 7.00 5.52 -0.25
N GLN B 206 5.79 5.93 -0.62
CA GLN B 206 4.61 5.12 -0.38
C GLN B 206 4.86 3.74 -0.99
N LEU B 207 5.43 3.73 -2.20
CA LEU B 207 5.73 2.48 -2.88
C LEU B 207 6.53 1.56 -1.96
N CYS B 208 7.61 2.07 -1.41
CA CYS B 208 8.46 1.30 -0.52
C CYS B 208 7.68 0.81 0.68
N ILE B 209 6.77 1.63 1.18
CA ILE B 209 5.93 1.27 2.32
C ILE B 209 5.06 0.08 1.96
N ASP B 210 4.55 0.09 0.72
CA ASP B 210 3.71 -0.99 0.22
C ASP B 210 4.50 -2.30 0.20
N LEU B 211 5.76 -2.23 -0.23
CA LEU B 211 6.63 -3.39 -0.28
C LEU B 211 7.21 -3.71 1.09
N GLY B 212 6.43 -3.41 2.12
CA GLY B 212 6.82 -3.68 3.50
C GLY B 212 8.02 -2.98 4.09
N TRP B 213 8.39 -1.81 3.59
CA TRP B 213 9.54 -1.10 4.16
C TRP B 213 9.11 -0.47 5.48
N LYS B 214 10.06 -0.39 6.42
CA LYS B 214 9.80 0.19 7.74
C LYS B 214 9.93 1.71 7.75
N PRO B 215 8.79 2.44 7.72
CA PRO B 215 8.77 3.91 7.71
C PRO B 215 9.25 4.51 9.04
N ARG B 216 10.50 4.98 9.10
CA ARG B 216 11.05 5.56 10.32
C ARG B 216 10.57 6.98 10.62
N TYR B 217 9.67 7.49 9.77
CA TYR B 217 9.06 8.83 9.89
C TYR B 217 9.94 9.98 10.39
N GLY B 218 10.78 10.50 9.50
CA GLY B 218 11.65 11.61 9.86
C GLY B 218 11.83 12.55 8.67
N ARG B 219 12.63 13.60 8.85
CA ARG B 219 12.89 14.55 7.79
C ARG B 219 13.98 14.02 6.89
N PHE B 220 14.93 13.33 7.49
CA PHE B 220 16.05 12.79 6.77
C PHE B 220 16.22 11.30 7.02
N ASP B 221 15.36 10.52 6.38
CA ASP B 221 15.40 9.07 6.50
C ASP B 221 15.76 8.56 5.13
N VAL B 222 16.97 8.03 5.02
CA VAL B 222 17.45 7.51 3.75
C VAL B 222 16.53 6.42 3.24
N LEU B 223 16.08 6.60 2.01
CA LEU B 223 15.19 5.65 1.36
C LEU B 223 15.91 4.34 1.08
N PRO B 224 15.16 3.24 1.06
CA PRO B 224 15.69 1.90 0.81
C PRO B 224 15.95 1.72 -0.68
N LEU B 225 16.83 0.77 -1.01
CA LEU B 225 17.14 0.49 -2.39
C LEU B 225 16.13 -0.50 -2.94
N VAL B 226 15.55 -0.17 -4.07
CA VAL B 226 14.58 -1.02 -4.75
C VAL B 226 15.27 -1.47 -6.02
N LEU B 227 15.49 -2.77 -6.15
CA LEU B 227 16.17 -3.26 -7.33
C LEU B 227 15.49 -4.45 -7.96
N GLN B 228 15.64 -4.57 -9.27
CA GLN B 228 15.07 -5.69 -10.00
C GLN B 228 16.10 -6.22 -10.99
N ALA B 229 16.31 -7.53 -10.97
CA ALA B 229 17.27 -8.19 -11.88
C ALA B 229 16.51 -8.85 -13.03
N ASP B 230 17.24 -9.51 -13.94
CA ASP B 230 16.68 -10.16 -15.12
C ASP B 230 15.30 -9.59 -15.48
N GLY B 231 14.22 -10.16 -14.97
CA GLY B 231 12.92 -9.60 -15.27
C GLY B 231 12.10 -9.56 -14.00
N GLN B 232 12.69 -10.13 -12.96
CA GLN B 232 12.11 -10.27 -11.64
C GLN B 232 11.44 -9.06 -10.99
N ASP B 233 10.62 -9.35 -10.00
CA ASP B 233 9.93 -8.32 -9.26
C ASP B 233 11.01 -7.70 -8.35
N PRO B 234 10.88 -6.41 -8.04
CA PRO B 234 11.81 -5.64 -7.20
C PRO B 234 12.06 -6.15 -5.79
N GLU B 235 13.33 -6.13 -5.39
CA GLU B 235 13.75 -6.55 -4.07
C GLU B 235 14.19 -5.35 -3.24
N VAL B 236 13.58 -5.21 -2.07
CA VAL B 236 13.86 -4.12 -1.15
C VAL B 236 15.13 -4.35 -0.33
N PHE B 237 16.08 -3.45 -0.47
CA PHE B 237 17.34 -3.55 0.27
C PHE B 237 17.64 -2.28 1.04
N GLU B 238 17.59 -2.37 2.35
CA GLU B 238 17.88 -1.23 3.22
C GLU B 238 19.36 -0.91 3.11
N ILE B 239 19.66 0.35 2.85
CA ILE B 239 21.05 0.76 2.71
C ILE B 239 21.82 0.80 4.03
N PRO B 240 23.00 0.17 4.05
CA PRO B 240 23.87 0.13 5.23
C PRO B 240 24.28 1.55 5.61
N PRO B 241 23.76 2.05 6.75
CA PRO B 241 24.05 3.39 7.25
C PRO B 241 25.51 3.84 7.27
N ASP B 242 26.44 2.93 7.58
CA ASP B 242 27.85 3.29 7.61
C ASP B 242 28.37 3.74 6.25
N LEU B 243 27.54 3.56 5.23
CA LEU B 243 27.88 3.93 3.85
C LEU B 243 27.37 5.28 3.44
N VAL B 244 26.33 5.75 4.13
CA VAL B 244 25.72 7.03 3.83
C VAL B 244 26.38 8.20 4.57
N LEU B 245 27.29 8.90 3.89
CA LEU B 245 27.97 10.05 4.49
C LEU B 245 27.03 11.23 4.34
N GLU B 246 26.94 12.04 5.39
CA GLU B 246 26.08 13.21 5.37
C GLU B 246 26.82 14.42 5.89
N VAL B 247 26.29 15.60 5.54
CA VAL B 247 26.86 16.88 5.95
C VAL B 247 25.80 17.65 6.73
N THR B 248 26.11 18.01 7.97
CA THR B 248 25.15 18.78 8.78
C THR B 248 25.33 20.24 8.45
N MET B 249 24.21 20.87 8.09
CA MET B 249 24.19 22.27 7.72
C MET B 249 24.35 23.26 8.86
N GLU B 250 25.31 24.17 8.71
CA GLU B 250 25.58 25.20 9.69
C GLU B 250 26.25 26.41 9.04
N HIS B 251 25.74 27.59 9.37
CA HIS B 251 26.23 28.85 8.82
C HIS B 251 27.50 29.33 9.56
N PRO B 252 28.46 29.92 8.81
CA PRO B 252 29.71 30.41 9.37
C PRO B 252 29.57 31.68 10.22
N LYS B 253 28.36 32.21 10.31
CA LYS B 253 28.10 33.41 11.10
C LYS B 253 26.77 33.32 11.85
N TYR B 254 25.77 32.66 11.25
CA TYR B 254 24.46 32.55 11.88
C TYR B 254 24.36 31.26 12.70
N GLU B 255 24.87 31.28 13.94
CA GLU B 255 24.86 30.09 14.80
C GLU B 255 23.49 29.44 15.00
N TRP B 256 22.43 30.19 14.75
CA TRP B 256 21.07 29.67 14.90
C TRP B 256 20.71 28.76 13.73
N PHE B 257 21.49 28.85 12.65
CA PHE B 257 21.25 28.04 11.47
C PHE B 257 21.32 26.56 11.83
N GLN B 258 22.32 26.21 12.63
CA GLN B 258 22.50 24.84 13.07
C GLN B 258 21.24 24.35 13.75
N GLU B 259 20.56 25.26 14.46
CA GLU B 259 19.33 24.92 15.16
C GLU B 259 18.22 24.43 14.23
N LEU B 260 18.41 24.60 12.93
CA LEU B 260 17.41 24.16 11.96
C LEU B 260 17.40 22.65 11.80
N GLY B 261 18.51 22.00 12.17
CA GLY B 261 18.61 20.56 12.06
C GLY B 261 18.66 20.08 10.62
N LEU B 262 19.38 20.82 9.80
CA LEU B 262 19.52 20.48 8.39
C LEU B 262 20.79 19.70 8.12
N LYS B 263 20.71 18.87 7.09
CA LYS B 263 21.84 18.05 6.64
C LYS B 263 21.49 17.52 5.26
N TRP B 264 22.48 16.97 4.57
CA TRP B 264 22.22 16.42 3.25
C TRP B 264 23.28 15.37 2.94
N TYR B 265 22.92 14.43 2.06
CA TYR B 265 23.85 13.39 1.65
C TYR B 265 24.90 13.95 0.72
N ALA B 266 26.13 13.50 0.92
CA ALA B 266 27.25 13.96 0.12
C ALA B 266 27.29 13.36 -1.28
N LEU B 267 26.54 12.30 -1.51
CA LEU B 267 26.57 11.63 -2.81
C LEU B 267 25.38 11.81 -3.76
N PRO B 268 25.61 12.50 -4.89
CA PRO B 268 24.65 12.79 -5.95
C PRO B 268 24.83 11.73 -7.05
N ALA B 269 24.23 10.57 -6.83
CA ALA B 269 24.33 9.47 -7.77
C ALA B 269 23.01 9.16 -8.46
N VAL B 270 22.88 9.54 -9.72
CA VAL B 270 21.69 9.30 -10.52
C VAL B 270 21.50 7.80 -10.71
N ALA B 271 20.32 7.29 -10.37
CA ALA B 271 20.05 5.87 -10.47
C ALA B 271 19.29 5.41 -11.70
N ASN B 272 18.07 5.91 -11.84
CA ASN B 272 17.16 5.56 -12.92
C ASN B 272 17.41 5.95 -14.38
N MET B 273 18.64 6.22 -14.77
CA MET B 273 18.86 6.57 -16.17
C MET B 273 19.37 5.39 -17.01
N LEU B 274 19.25 5.51 -18.33
CA LEU B 274 19.66 4.47 -19.28
C LEU B 274 20.84 4.86 -20.16
N LEU B 275 21.83 3.99 -20.26
CA LEU B 275 22.98 4.26 -21.11
C LEU B 275 22.75 3.55 -22.43
N GLU B 276 22.76 4.31 -23.53
CA GLU B 276 22.59 3.73 -24.86
C GLU B 276 23.95 3.82 -25.53
N VAL B 277 24.33 2.76 -26.23
CA VAL B 277 25.60 2.75 -26.94
C VAL B 277 25.56 1.72 -28.07
N GLY B 278 26.15 2.09 -29.21
CA GLY B 278 26.20 1.23 -30.37
C GLY B 278 24.94 0.42 -30.60
N GLY B 279 23.79 1.05 -30.34
CA GLY B 279 22.55 0.36 -30.54
C GLY B 279 22.03 -0.32 -29.30
N LEU B 280 22.92 -0.89 -28.48
CA LEU B 280 22.43 -1.53 -27.28
C LEU B 280 22.26 -0.58 -26.12
N GLU B 281 21.40 -0.98 -25.19
CA GLU B 281 21.04 -0.18 -24.04
C GLU B 281 21.09 -0.87 -22.69
N PHE B 282 21.60 -0.14 -21.68
CA PHE B 282 21.70 -0.63 -20.31
C PHE B 282 20.78 0.23 -19.47
N PRO B 283 19.60 -0.31 -19.11
CA PRO B 283 18.57 0.37 -18.30
C PRO B 283 18.93 0.58 -16.83
N ALA B 284 20.03 -0.04 -16.40
CA ALA B 284 20.51 0.10 -15.04
C ALA B 284 21.97 0.49 -15.16
N CYS B 285 22.32 1.68 -14.71
CA CYS B 285 23.71 2.12 -14.74
C CYS B 285 23.92 3.38 -13.92
N PRO B 286 23.63 3.29 -12.60
CA PRO B 286 23.81 4.43 -11.72
C PRO B 286 25.22 5.02 -11.80
N PHE B 287 25.28 6.34 -11.75
CA PHE B 287 26.53 7.05 -11.82
C PHE B 287 26.49 8.23 -10.86
N ASN B 288 27.63 8.87 -10.67
CA ASN B 288 27.69 9.99 -9.77
C ASN B 288 28.90 10.86 -10.01
N GLY B 289 28.77 12.10 -9.58
CA GLY B 289 29.86 13.04 -9.65
C GLY B 289 29.79 13.64 -8.26
N TRP B 290 29.98 14.94 -8.16
CA TRP B 290 29.86 15.58 -6.87
C TRP B 290 28.87 16.72 -7.02
N TYR B 291 28.44 17.24 -5.88
CA TYR B 291 27.47 18.29 -5.84
C TYR B 291 27.98 19.66 -6.22
N MET B 292 27.03 20.51 -6.57
CA MET B 292 27.27 21.91 -6.87
C MET B 292 26.30 22.58 -5.91
N GLY B 293 26.88 23.34 -4.99
CA GLY B 293 26.11 24.03 -3.96
C GLY B 293 24.65 24.35 -4.21
N THR B 294 24.38 25.07 -5.29
CA THR B 294 23.01 25.49 -5.62
C THR B 294 22.01 24.34 -5.63
N GLU B 295 22.48 23.15 -5.98
CA GLU B 295 21.61 21.97 -6.03
C GLU B 295 20.94 21.71 -4.71
N ILE B 296 21.75 21.64 -3.67
CA ILE B 296 21.26 21.40 -2.33
C ILE B 296 20.66 22.68 -1.77
N GLY B 297 21.47 23.74 -1.77
CA GLY B 297 21.00 25.01 -1.25
C GLY B 297 19.78 25.63 -1.88
N VAL B 298 19.77 25.70 -3.20
CA VAL B 298 18.67 26.32 -3.91
C VAL B 298 17.51 25.38 -4.20
N ARG B 299 17.81 24.29 -4.89
CA ARG B 299 16.79 23.34 -5.29
C ARG B 299 16.20 22.52 -4.15
N ASP B 300 17.00 21.61 -3.62
CA ASP B 300 16.58 20.73 -2.54
C ASP B 300 15.94 21.42 -1.33
N PHE B 301 16.61 22.47 -0.83
CA PHE B 301 16.14 23.21 0.32
C PHE B 301 15.07 24.27 0.08
N CYS B 302 15.19 25.03 -1.00
CA CYS B 302 14.25 26.12 -1.24
C CYS B 302 13.03 25.94 -2.13
N ASP B 303 12.98 24.87 -2.91
CA ASP B 303 11.82 24.64 -3.77
C ASP B 303 10.58 24.45 -2.93
N THR B 304 9.47 25.08 -3.33
CA THR B 304 8.22 24.92 -2.58
C THR B 304 7.82 23.43 -2.61
N GLN B 305 8.22 22.77 -3.70
CA GLN B 305 7.96 21.36 -3.93
C GLN B 305 8.86 20.40 -3.17
N ARG B 306 9.97 20.92 -2.64
CA ARG B 306 10.92 20.11 -1.89
C ARG B 306 10.83 20.46 -0.41
N TYR B 307 11.99 20.67 0.22
CA TYR B 307 12.04 21.00 1.64
C TYR B 307 11.44 22.35 2.03
N ASN B 308 11.28 23.24 1.05
CA ASN B 308 10.65 24.54 1.27
C ASN B 308 11.02 25.28 2.57
N ILE B 309 12.30 25.60 2.76
CA ILE B 309 12.72 26.28 3.99
C ILE B 309 12.75 27.81 3.94
N LEU B 310 13.00 28.35 2.75
CA LEU B 310 13.11 29.79 2.50
C LEU B 310 12.43 30.78 3.44
N GLU B 311 11.14 30.60 3.72
CA GLU B 311 10.43 31.51 4.62
C GLU B 311 11.00 31.50 6.04
N GLU B 312 11.20 30.30 6.59
CA GLU B 312 11.75 30.14 7.93
C GLU B 312 13.15 30.72 8.03
N VAL B 313 13.87 30.68 6.92
CA VAL B 313 15.23 31.20 6.89
C VAL B 313 15.21 32.71 6.77
N GLY B 314 14.22 33.24 6.07
CA GLY B 314 14.12 34.68 5.94
C GLY B 314 13.60 35.31 7.21
N ARG B 315 12.80 34.52 7.93
CA ARG B 315 12.16 34.91 9.18
C ARG B 315 13.17 35.07 10.32
N ARG B 316 14.02 34.05 10.50
CA ARG B 316 15.03 34.07 11.54
C ARG B 316 16.16 35.01 11.17
N MET B 317 16.15 35.49 9.93
CA MET B 317 17.16 36.42 9.45
C MET B 317 16.77 37.86 9.75
N GLY B 318 15.52 38.05 10.16
CA GLY B 318 15.01 39.38 10.49
C GLY B 318 14.51 40.19 9.31
N LEU B 319 14.39 39.56 8.14
CA LEU B 319 13.96 40.24 6.92
C LEU B 319 12.45 40.40 6.82
N GLU B 320 11.99 41.27 5.92
CA GLU B 320 10.55 41.51 5.72
C GLU B 320 9.92 40.41 4.88
N THR B 321 9.60 39.30 5.53
CA THR B 321 8.99 38.13 4.91
C THR B 321 7.68 38.38 4.19
N HIS B 322 7.03 39.50 4.50
CA HIS B 322 5.74 39.82 3.90
C HIS B 322 5.75 40.84 2.77
N THR B 323 6.94 41.21 2.32
CA THR B 323 7.08 42.18 1.25
C THR B 323 8.02 41.59 0.22
N LEU B 324 7.46 41.17 -0.92
CA LEU B 324 8.26 40.59 -1.99
C LEU B 324 9.40 41.52 -2.42
N ALA B 325 9.03 42.79 -2.64
CA ALA B 325 9.97 43.82 -3.07
C ALA B 325 11.25 44.00 -2.23
N SER B 326 11.22 43.51 -0.99
CA SER B 326 12.38 43.64 -0.10
C SER B 326 13.54 42.76 -0.52
N LEU B 327 13.27 41.83 -1.44
CA LEU B 327 14.28 40.89 -1.95
C LEU B 327 14.86 39.98 -0.84
N TRP B 328 14.05 39.72 0.18
CA TRP B 328 14.47 38.87 1.29
C TRP B 328 14.80 37.47 0.81
N LYS B 329 14.09 37.03 -0.22
CA LYS B 329 14.33 35.70 -0.79
C LYS B 329 15.73 35.61 -1.37
N ASP B 330 16.16 36.64 -2.10
CA ASP B 330 17.49 36.67 -2.69
C ASP B 330 18.52 36.68 -1.59
N ARG B 331 18.16 37.35 -0.51
CA ARG B 331 19.03 37.47 0.65
C ARG B 331 19.13 36.12 1.36
N ALA B 332 17.98 35.53 1.65
CA ALA B 332 17.92 34.24 2.34
C ALA B 332 18.67 33.16 1.59
N VAL B 333 18.19 32.86 0.39
CA VAL B 333 18.77 31.83 -0.45
C VAL B 333 20.28 31.89 -0.54
N THR B 334 20.82 33.10 -0.68
CA THR B 334 22.26 33.25 -0.76
C THR B 334 22.91 32.75 0.52
N GLU B 335 22.27 33.03 1.65
CA GLU B 335 22.80 32.58 2.93
C GLU B 335 22.73 31.06 3.07
N ILE B 336 21.66 30.48 2.53
CA ILE B 336 21.53 29.03 2.56
C ILE B 336 22.63 28.41 1.70
N ASN B 337 22.99 29.08 0.60
CA ASN B 337 24.05 28.61 -0.28
C ASN B 337 25.40 28.62 0.40
N VAL B 338 25.73 29.71 1.10
CA VAL B 338 27.00 29.76 1.79
C VAL B 338 27.04 28.70 2.90
N ALA B 339 25.89 28.45 3.51
CA ALA B 339 25.74 27.45 4.57
C ALA B 339 26.18 26.08 4.04
N VAL B 340 25.61 25.71 2.90
CA VAL B 340 25.92 24.46 2.25
C VAL B 340 27.40 24.37 1.93
N LEU B 341 27.91 25.37 1.21
CA LEU B 341 29.32 25.39 0.83
C LEU B 341 30.24 25.36 2.04
N HIS B 342 29.85 26.11 3.05
CA HIS B 342 30.62 26.17 4.27
C HIS B 342 30.66 24.80 4.94
N SER B 343 29.49 24.23 5.18
CA SER B 343 29.37 22.91 5.82
C SER B 343 30.16 21.81 5.10
N PHE B 344 30.05 21.76 3.77
CA PHE B 344 30.78 20.77 3.01
C PHE B 344 32.28 21.04 3.12
N GLN B 345 32.64 22.32 3.03
CA GLN B 345 34.03 22.78 3.13
C GLN B 345 34.67 22.32 4.44
N LYS B 346 33.96 22.58 5.54
CA LYS B 346 34.39 22.25 6.87
C LYS B 346 34.57 20.76 7.08
N GLN B 347 33.50 19.99 6.87
CA GLN B 347 33.54 18.55 7.04
C GLN B 347 34.32 17.78 5.97
N ASN B 348 35.16 18.51 5.23
CA ASN B 348 36.01 17.99 4.17
C ASN B 348 35.36 17.06 3.14
N VAL B 349 34.24 17.53 2.60
CA VAL B 349 33.45 16.82 1.60
C VAL B 349 33.40 17.67 0.33
N THR B 350 33.79 17.06 -0.78
CA THR B 350 33.83 17.74 -2.06
C THR B 350 32.52 18.40 -2.46
N ILE B 351 32.65 19.55 -3.09
CA ILE B 351 31.51 20.31 -3.59
C ILE B 351 32.09 21.51 -4.33
N MET B 352 31.35 21.99 -5.33
CA MET B 352 31.77 23.13 -6.12
C MET B 352 30.64 24.15 -6.19
N ASP B 353 31.00 25.42 -6.07
CA ASP B 353 30.02 26.49 -6.13
C ASP B 353 29.65 26.68 -7.59
N HIS B 354 28.48 27.26 -7.82
CA HIS B 354 28.02 27.46 -9.18
C HIS B 354 28.90 28.31 -10.04
N HIS B 355 29.57 29.28 -9.43
CA HIS B 355 30.45 30.17 -10.17
C HIS B 355 31.64 29.44 -10.76
N THR B 356 32.39 28.77 -9.91
CA THR B 356 33.56 28.04 -10.38
C THR B 356 33.09 26.94 -11.32
N ALA B 357 31.95 26.34 -11.00
CA ALA B 357 31.39 25.27 -11.82
C ALA B 357 31.16 25.77 -13.22
N SER B 358 30.57 26.95 -13.33
CA SER B 358 30.28 27.58 -14.62
C SER B 358 31.58 27.92 -15.33
N GLU B 359 32.49 28.59 -14.63
CA GLU B 359 33.76 28.96 -15.23
C GLU B 359 34.47 27.74 -15.82
N SER B 360 34.35 26.60 -15.15
CA SER B 360 35.00 25.39 -15.62
C SER B 360 34.28 24.85 -16.85
N PHE B 361 32.94 24.87 -16.83
CA PHE B 361 32.19 24.40 -17.98
C PHE B 361 32.50 25.22 -19.23
N MET B 362 32.74 26.51 -19.03
CA MET B 362 33.08 27.38 -20.13
C MET B 362 34.41 26.93 -20.75
N LYS B 363 35.39 26.64 -19.90
CA LYS B 363 36.68 26.17 -20.37
C LYS B 363 36.49 24.80 -21.02
N HIS B 364 35.46 24.09 -20.59
CA HIS B 364 35.20 22.78 -21.15
C HIS B 364 34.79 22.96 -22.59
N MET B 365 33.86 23.89 -22.83
CA MET B 365 33.39 24.14 -24.18
C MET B 365 34.52 24.49 -25.14
N GLN B 366 35.33 25.48 -24.78
CA GLN B 366 36.46 25.89 -25.61
C GLN B 366 37.28 24.70 -26.06
N ASN B 367 37.55 23.80 -25.11
CA ASN B 367 38.33 22.58 -25.39
C ASN B 367 37.52 21.69 -26.31
N GLU B 368 36.22 21.63 -26.05
CA GLU B 368 35.27 20.80 -26.78
C GLU B 368 35.04 21.20 -28.25
N TYR B 369 35.00 22.49 -28.53
CA TYR B 369 34.80 22.96 -29.89
C TYR B 369 36.11 22.82 -30.64
N ARG B 370 37.18 23.29 -30.03
CA ARG B 370 38.51 23.20 -30.61
C ARG B 370 38.86 21.74 -30.90
N ALA B 371 38.34 20.84 -30.07
CA ALA B 371 38.58 19.40 -30.22
C ALA B 371 37.74 18.73 -31.29
N ARG B 372 36.49 18.38 -30.96
CA ARG B 372 35.63 17.68 -31.92
C ARG B 372 34.60 18.48 -32.74
N GLY B 373 34.56 19.80 -32.57
CA GLY B 373 33.62 20.60 -33.34
C GLY B 373 32.31 21.05 -32.72
N GLY B 374 31.99 20.55 -31.54
CA GLY B 374 30.74 20.96 -30.92
C GLY B 374 30.69 20.62 -29.44
N CYS B 375 29.50 20.72 -28.86
CA CYS B 375 29.26 20.42 -27.45
C CYS B 375 27.78 20.62 -27.15
N PRO B 376 27.03 19.51 -27.09
CA PRO B 376 25.59 19.61 -26.81
C PRO B 376 25.38 20.22 -25.43
N ALA B 377 24.63 21.31 -25.39
CA ALA B 377 24.35 22.04 -24.16
C ALA B 377 22.90 22.49 -24.02
N ASP B 378 22.34 22.26 -22.84
CA ASP B 378 20.97 22.67 -22.55
C ASP B 378 21.03 23.90 -21.67
N TRP B 379 21.10 25.07 -22.31
CA TRP B 379 21.16 26.34 -21.60
C TRP B 379 20.25 26.35 -20.38
N ILE B 380 18.97 26.05 -20.60
CA ILE B 380 17.98 26.02 -19.53
C ILE B 380 18.48 25.30 -18.27
N TRP B 381 19.20 24.20 -18.48
CA TRP B 381 19.74 23.43 -17.36
C TRP B 381 21.09 23.88 -16.86
N LEU B 382 21.99 24.17 -17.78
CA LEU B 382 23.33 24.59 -17.44
C LEU B 382 23.43 25.93 -16.72
N VAL B 383 22.39 26.75 -16.79
CA VAL B 383 22.43 28.02 -16.10
C VAL B 383 21.97 27.77 -14.67
N PRO B 384 22.86 28.00 -13.70
CA PRO B 384 22.59 27.81 -12.28
C PRO B 384 21.27 28.48 -11.92
N PRO B 385 20.49 27.86 -11.02
CA PRO B 385 19.18 28.28 -10.53
C PRO B 385 19.14 29.59 -9.77
N VAL B 386 20.26 30.28 -9.71
CA VAL B 386 20.33 31.55 -9.02
C VAL B 386 21.53 32.30 -9.58
N SER B 387 21.42 33.62 -9.67
CA SER B 387 22.51 34.46 -10.18
C SER B 387 22.94 34.05 -11.59
N GLY B 388 21.95 33.71 -12.41
CA GLY B 388 22.20 33.31 -13.78
C GLY B 388 23.13 34.18 -14.59
N SER B 389 22.76 35.43 -14.82
CA SER B 389 23.58 36.34 -15.63
C SER B 389 24.96 36.64 -15.08
N ILE B 390 25.13 36.41 -13.78
CA ILE B 390 26.43 36.64 -13.14
C ILE B 390 27.31 35.48 -13.59
N THR B 391 26.65 34.47 -14.14
CA THR B 391 27.29 33.28 -14.65
C THR B 391 27.60 33.48 -16.13
N PRO B 392 28.78 33.01 -16.57
CA PRO B 392 29.25 33.11 -17.96
C PRO B 392 28.35 32.35 -18.93
N VAL B 393 27.89 31.19 -18.51
CA VAL B 393 27.03 30.32 -19.32
C VAL B 393 25.70 30.98 -19.74
N PHE B 394 25.25 31.96 -18.95
CA PHE B 394 24.02 32.67 -19.25
C PHE B 394 24.23 33.48 -20.52
N HIS B 395 25.46 33.97 -20.70
CA HIS B 395 25.84 34.77 -21.85
C HIS B 395 26.35 33.98 -23.05
N GLN B 396 26.28 32.66 -22.99
CA GLN B 396 26.74 31.81 -24.07
C GLN B 396 25.59 31.15 -24.81
N GLU B 397 25.51 31.36 -26.11
CA GLU B 397 24.47 30.73 -26.91
C GLU B 397 24.91 29.27 -27.04
N MET B 398 23.94 28.36 -27.12
CA MET B 398 24.27 26.94 -27.23
C MET B 398 23.19 26.09 -27.88
N LEU B 399 23.61 25.01 -28.54
CA LEU B 399 22.70 24.09 -29.20
C LEU B 399 22.59 22.79 -28.43
N ASN B 400 21.37 22.33 -28.25
CA ASN B 400 21.07 21.10 -27.52
C ASN B 400 20.72 20.05 -28.57
N TYR B 401 21.45 18.94 -28.59
CA TYR B 401 21.18 17.87 -29.56
C TYR B 401 21.68 16.50 -29.09
N VAL B 402 20.83 15.48 -29.22
CA VAL B 402 21.18 14.12 -28.81
C VAL B 402 22.21 13.43 -29.71
N LEU B 403 23.30 12.96 -29.11
CA LEU B 403 24.34 12.24 -29.84
C LEU B 403 24.38 10.82 -29.30
N SER B 404 25.45 10.11 -29.61
CA SER B 404 25.58 8.74 -29.12
C SER B 404 27.05 8.43 -28.86
N PRO B 405 27.35 7.71 -27.77
CA PRO B 405 26.41 7.18 -26.76
C PRO B 405 25.72 8.28 -25.93
N PHE B 406 24.71 7.90 -25.14
CA PHE B 406 23.95 8.89 -24.42
C PHE B 406 23.20 8.37 -23.18
N TYR B 407 22.95 9.27 -22.22
CA TYR B 407 22.21 8.94 -21.00
C TYR B 407 20.78 9.44 -21.14
N TYR B 408 19.88 8.53 -21.48
CA TYR B 408 18.45 8.84 -21.65
C TYR B 408 17.72 8.65 -20.34
N TYR B 409 16.55 9.27 -20.22
CA TYR B 409 15.71 9.09 -19.04
C TYR B 409 14.95 7.81 -19.40
N GLN B 410 13.98 7.44 -18.57
CA GLN B 410 13.18 6.27 -18.87
C GLN B 410 11.92 6.21 -18.03
N ILE B 411 10.88 5.61 -18.60
CA ILE B 411 9.60 5.50 -17.92
C ILE B 411 9.75 4.91 -16.53
N GLU B 412 9.19 5.59 -15.55
CA GLU B 412 9.23 5.16 -14.16
C GLU B 412 8.72 3.72 -14.14
N PRO B 413 9.62 2.77 -13.83
CA PRO B 413 9.39 1.32 -13.75
C PRO B 413 8.10 0.81 -13.13
N TRP B 414 7.70 1.35 -11.98
CA TRP B 414 6.46 0.90 -11.34
C TRP B 414 5.22 1.02 -12.22
N LYS B 415 5.34 1.77 -13.32
CA LYS B 415 4.23 1.94 -14.24
C LYS B 415 4.20 0.82 -15.29
N THR B 416 5.37 0.51 -15.83
CA THR B 416 5.52 -0.52 -16.85
C THR B 416 6.08 -1.83 -16.24
N HIS B 417 5.24 -2.62 -15.56
CA HIS B 417 5.76 -3.84 -14.94
C HIS B 417 4.85 -5.05 -14.72
N ILE B 418 5.36 -6.21 -15.13
CA ILE B 418 4.69 -7.51 -15.00
C ILE B 418 4.95 -8.12 -13.61
N TRP B 419 3.93 -8.15 -12.76
CA TRP B 419 4.10 -8.74 -11.43
C TRP B 419 3.83 -10.26 -11.42
N GLN B 420 4.13 -10.92 -10.30
CA GLN B 420 3.94 -12.37 -10.18
C GLN B 420 2.54 -12.88 -10.54
#